data_2I91
#
_entry.id   2I91
#
_cell.length_a   72.680
_cell.length_b   119.980
_cell.length_c   73.540
_cell.angle_alpha   90.00
_cell.angle_beta   98.91
_cell.angle_gamma   90.00
#
_symmetry.space_group_name_H-M   'P 1 21 1'
#
loop_
_entity.id
_entity.type
_entity.pdbx_description
1 polymer "5'-R(*GP*CP*CP*UP*AP*CP*CP*C)-3'"
2 polymer "5'-R(*C*GP*GP*UP*AP*GP*GP*CP*UP*UP*UP*UP*CP*AP*A)-3'"
3 polymer '60 kDa SS-A/Ro ribonucleoprotein'
4 non-polymer 'ACETATE ION'
5 non-polymer 'MAGNESIUM ION'
6 water water
#
loop_
_entity_poly.entity_id
_entity_poly.type
_entity_poly.pdbx_seq_one_letter_code
_entity_poly.pdbx_strand_id
1 'polyribonucleotide' GCCUACCC C,E
2 'polyribonucleotide' CGGUAGGCUUUUCAA D,F
3 'polypeptide(L)'
;MEATMDQTQPLNEKQVPNSEGCYVWQVSDMNRLRRFLCFGSEGGTYYIEEKKLGQENAEALLRLIEDGKGCEVVQEIKTF
SQEGRAAKQEPTLFALAVCSQCSDIKTKQAAFRAVPEVCRIPTHLFTFIQFKKDLKEGMKCGMWGRALRKAVSDWYNTKD
ALNLAMAVTKYKQRNGWSHKDLLRLSHIKPANEGLTMVAKYVSKGWKEVQEAYKEKELSPETEKVLKYLEATERVKRTKD
ELEIIHLIDEYRLVREHLLTIHLKSKEIWKSLLQDMPLTALLRNLGKMTADSVLAPASSEVSSVCERLTNEKLLKKARIH
PFHILVALETYKKGHGNRGKLRWIPDTSIVEALDNAFYKSFKLVEPTGKRFLLAIDVSASMNQRVLGSILNASVVAAAMC
MLVARTEKDSHMVAFSDEMLPCPITVNMLLHEVVEKMSDITMGSTDCALPMLWAQKTNTAADIFIVFTDCETNVEDVHPA
TALKQYREKMGIPAKLIVCAMTSNGFSIADPDDRGMLDICGFDSGALDVIRNFTLDLI
;
A,B
#
# COMPACT_ATOMS: atom_id res chain seq x y z
N MET E 5 -26.89 -39.43 17.45
CA MET E 5 -26.06 -38.17 17.51
C MET E 5 -26.55 -37.07 16.56
N ASP E 6 -26.97 -35.95 17.14
CA ASP E 6 -27.45 -34.82 16.35
C ASP E 6 -26.78 -33.54 16.82
N GLN E 7 -27.24 -32.40 16.31
CA GLN E 7 -26.67 -31.10 16.65
C GLN E 7 -26.79 -30.73 18.13
N THR E 8 -27.69 -31.39 18.85
CA THR E 8 -27.86 -31.13 20.27
C THR E 8 -26.65 -31.63 21.05
N GLN E 9 -25.85 -32.47 20.41
CA GLN E 9 -24.66 -33.03 21.05
C GLN E 9 -23.38 -32.65 20.31
N PRO E 10 -22.25 -32.60 21.03
CA PRO E 10 -20.94 -32.26 20.46
C PRO E 10 -20.32 -33.40 19.68
N LEU E 11 -19.73 -33.10 18.52
CA LEU E 11 -19.08 -34.12 17.70
C LEU E 11 -17.76 -34.46 18.34
N ASN E 12 -17.13 -33.45 18.92
CA ASN E 12 -15.87 -33.68 19.60
C ASN E 12 -15.60 -32.53 20.56
N GLU E 13 -14.62 -32.74 21.43
CA GLU E 13 -14.22 -31.76 22.44
C GLU E 13 -14.17 -30.35 21.90
N LYS E 14 -13.43 -30.17 20.81
CA LYS E 14 -13.28 -28.86 20.21
C LYS E 14 -14.57 -28.04 20.09
N GLN E 15 -15.65 -28.66 19.64
CA GLN E 15 -16.93 -27.97 19.49
C GLN E 15 -17.39 -27.25 20.77
N VAL E 16 -18.23 -26.23 20.59
CA VAL E 16 -18.79 -25.44 21.68
C VAL E 16 -20.26 -25.25 21.33
N PRO E 17 -21.11 -24.90 22.31
CA PRO E 17 -22.56 -24.69 22.12
C PRO E 17 -22.95 -23.33 21.44
N ASN E 18 -23.99 -23.28 20.59
CA ASN E 18 -24.32 -21.97 20.02
C ASN E 18 -25.04 -21.19 21.07
N SER E 19 -25.81 -20.27 20.51
CA SER E 19 -26.69 -19.35 21.15
C SER E 19 -28.03 -20.10 21.27
N GLU E 20 -28.09 -21.30 20.72
CA GLU E 20 -29.30 -22.08 20.79
C GLU E 20 -29.08 -23.38 21.55
N GLY E 21 -27.84 -23.60 21.98
CA GLY E 21 -27.54 -24.81 22.72
C GLY E 21 -26.95 -25.93 21.88
N CYS E 22 -27.13 -25.88 20.57
CA CYS E 22 -26.60 -26.90 19.68
C CYS E 22 -25.14 -26.68 19.43
N TYR E 23 -24.40 -27.73 19.10
CA TYR E 23 -22.96 -27.59 18.93
C TYR E 23 -22.36 -27.26 17.57
N VAL E 24 -21.37 -26.37 17.60
CA VAL E 24 -20.65 -25.94 16.40
C VAL E 24 -19.20 -25.70 16.79
N TRP E 25 -18.38 -25.30 15.83
CA TRP E 25 -16.99 -25.03 16.11
C TRP E 25 -16.80 -23.54 16.28
N GLN E 26 -15.69 -23.16 16.88
CA GLN E 26 -15.43 -21.77 17.04
C GLN E 26 -14.50 -21.32 15.93
N VAL E 27 -15.02 -20.43 15.09
CA VAL E 27 -14.27 -19.85 13.99
C VAL E 27 -12.87 -19.45 14.47
N SER E 28 -11.86 -19.60 13.63
CA SER E 28 -10.51 -19.20 14.03
C SER E 28 -10.55 -17.70 14.27
N ASP E 29 -9.73 -17.22 15.20
CA ASP E 29 -9.70 -15.80 15.51
C ASP E 29 -9.44 -14.92 14.29
N MET E 30 -8.51 -15.35 13.44
CA MET E 30 -8.18 -14.61 12.22
C MET E 30 -9.41 -14.46 11.35
N ASN E 31 -10.18 -15.53 11.24
CA ASN E 31 -11.38 -15.48 10.43
C ASN E 31 -12.44 -14.60 11.08
N ARG E 32 -12.44 -14.56 12.41
CA ARG E 32 -13.41 -13.73 13.09
C ARG E 32 -13.02 -12.28 12.93
N LEU E 33 -11.75 -12.03 12.68
CA LEU E 33 -11.28 -10.68 12.47
C LEU E 33 -11.94 -10.22 11.18
N ARG E 34 -11.93 -11.07 10.17
CA ARG E 34 -12.53 -10.71 8.88
C ARG E 34 -14.02 -10.51 9.01
N ARG E 35 -14.70 -11.41 9.71
CA ARG E 35 -16.13 -11.27 9.89
C ARG E 35 -16.38 -9.90 10.48
N PHE E 36 -15.62 -9.57 11.51
CA PHE E 36 -15.73 -8.30 12.21
C PHE E 36 -15.50 -7.11 11.29
N LEU E 37 -14.45 -7.18 10.48
CA LEU E 37 -14.14 -6.08 9.60
C LEU E 37 -15.30 -5.80 8.66
N CYS E 38 -15.98 -6.85 8.22
CA CYS E 38 -17.11 -6.71 7.29
C CYS E 38 -18.46 -6.38 7.90
N PHE E 39 -18.76 -6.99 9.04
CA PHE E 39 -20.05 -6.79 9.68
C PHE E 39 -20.08 -5.93 10.95
N GLY E 40 -18.94 -5.75 11.60
CA GLY E 40 -18.89 -4.96 12.81
C GLY E 40 -19.77 -5.56 13.89
N SER E 41 -20.30 -4.72 14.78
CA SER E 41 -21.16 -5.23 15.85
C SER E 41 -22.38 -4.39 16.21
N GLU E 42 -22.77 -3.45 15.35
CA GLU E 42 -23.94 -2.65 15.63
C GLU E 42 -25.15 -3.57 15.57
N GLY E 43 -26.08 -3.38 16.50
CA GLY E 43 -27.29 -4.20 16.51
C GLY E 43 -27.06 -5.66 16.87
N GLY E 44 -25.79 -6.05 16.96
CA GLY E 44 -25.47 -7.42 17.29
C GLY E 44 -26.12 -8.37 16.31
N THR E 45 -26.32 -9.60 16.76
CA THR E 45 -26.96 -10.59 15.91
C THR E 45 -28.32 -10.86 16.54
N TYR E 46 -29.04 -11.80 15.95
CA TYR E 46 -30.35 -12.20 16.41
C TYR E 46 -30.29 -12.71 17.87
N TYR E 47 -29.21 -13.37 18.23
CA TYR E 47 -29.06 -13.93 19.57
C TYR E 47 -28.15 -13.16 20.53
N ILE E 48 -27.19 -12.44 19.99
CA ILE E 48 -26.22 -11.73 20.81
C ILE E 48 -26.44 -10.24 20.77
N GLU E 49 -26.51 -9.62 21.94
CA GLU E 49 -26.72 -8.19 22.01
C GLU E 49 -25.48 -7.43 21.57
N GLU E 50 -25.71 -6.30 20.94
CA GLU E 50 -24.65 -5.45 20.42
C GLU E 50 -23.40 -5.34 21.31
N LYS E 51 -23.60 -4.91 22.54
CA LYS E 51 -22.51 -4.76 23.50
C LYS E 51 -21.64 -6.01 23.63
N LYS E 52 -22.26 -7.14 23.94
CA LYS E 52 -21.50 -8.38 24.10
C LYS E 52 -20.88 -8.88 22.80
N LEU E 53 -21.41 -8.45 21.66
CA LEU E 53 -20.86 -8.87 20.38
C LEU E 53 -19.52 -8.19 20.22
N GLY E 54 -19.49 -6.91 20.56
CA GLY E 54 -18.25 -6.15 20.45
C GLY E 54 -17.22 -6.72 21.43
N GLN E 55 -17.70 -7.10 22.62
CA GLN E 55 -16.84 -7.66 23.64
C GLN E 55 -16.26 -8.99 23.21
N GLU E 56 -17.09 -9.82 22.58
CA GLU E 56 -16.65 -11.11 22.07
C GLU E 56 -15.59 -10.86 21.02
N ASN E 57 -15.81 -9.85 20.19
CA ASN E 57 -14.85 -9.54 19.15
C ASN E 57 -13.59 -8.89 19.66
N ALA E 58 -13.72 -8.04 20.67
CA ALA E 58 -12.54 -7.39 21.24
C ALA E 58 -11.64 -8.47 21.85
N GLU E 59 -12.26 -9.46 22.51
CA GLU E 59 -11.51 -10.54 23.13
C GLU E 59 -10.67 -11.30 22.11
N ALA E 60 -11.27 -11.64 20.98
CA ALA E 60 -10.57 -12.40 19.94
C ALA E 60 -9.43 -11.57 19.40
N LEU E 61 -9.63 -10.26 19.29
CA LEU E 61 -8.57 -9.40 18.78
C LEU E 61 -7.34 -9.51 19.69
N LEU E 62 -7.53 -9.21 20.97
CA LEU E 62 -6.46 -9.28 21.94
C LEU E 62 -5.81 -10.66 21.97
N ARG E 63 -6.64 -11.69 21.76
CA ARG E 63 -6.12 -13.05 21.77
C ARG E 63 -5.06 -13.17 20.67
N LEU E 64 -5.35 -12.62 19.49
CA LEU E 64 -4.41 -12.67 18.37
C LEU E 64 -3.06 -12.04 18.78
N ILE E 65 -3.14 -10.82 19.32
CA ILE E 65 -1.97 -10.09 19.75
C ILE E 65 -1.18 -10.92 20.78
N GLU E 66 -1.90 -11.47 21.76
CA GLU E 66 -1.34 -12.33 22.81
C GLU E 66 -0.42 -13.33 22.08
N ASP E 67 -1.04 -14.08 21.18
CA ASP E 67 -0.40 -15.14 20.42
C ASP E 67 0.62 -14.78 19.36
N GLY E 68 1.01 -13.51 19.31
CA GLY E 68 1.98 -13.08 18.32
C GLY E 68 1.42 -12.58 17.00
N LYS E 69 0.16 -12.89 16.72
CA LYS E 69 -0.48 -12.45 15.48
C LYS E 69 -0.57 -10.94 15.33
N GLY E 70 0.08 -10.21 16.21
CA GLY E 70 0.00 -8.76 16.15
C GLY E 70 0.18 -8.09 14.79
N CYS E 71 1.26 -8.41 14.09
CA CYS E 71 1.53 -7.80 12.79
C CYS E 71 0.71 -8.37 11.64
N GLU E 72 0.24 -9.60 11.79
CA GLU E 72 -0.57 -10.22 10.74
C GLU E 72 -1.91 -9.48 10.73
N VAL E 73 -2.39 -9.14 11.92
CA VAL E 73 -3.64 -8.42 12.08
C VAL E 73 -3.61 -7.08 11.34
N VAL E 74 -2.61 -6.26 11.66
CA VAL E 74 -2.46 -4.94 11.03
C VAL E 74 -2.37 -5.08 9.50
N GLN E 75 -1.60 -6.06 9.06
CA GLN E 75 -1.41 -6.34 7.64
C GLN E 75 -2.76 -6.66 7.01
N GLU E 76 -3.56 -7.45 7.71
CA GLU E 76 -4.89 -7.81 7.20
C GLU E 76 -5.75 -6.56 7.21
N ILE E 77 -5.70 -5.80 8.29
CA ILE E 77 -6.46 -4.57 8.42
C ILE E 77 -6.10 -3.65 7.27
N LYS E 78 -4.80 -3.53 7.04
CA LYS E 78 -4.25 -2.66 6.01
C LYS E 78 -4.75 -3.09 4.62
N THR E 79 -4.80 -4.39 4.39
CA THR E 79 -5.23 -4.95 3.12
C THR E 79 -6.73 -4.82 2.83
N PHE E 80 -7.56 -5.08 3.82
CA PHE E 80 -9.00 -4.96 3.63
C PHE E 80 -9.40 -3.53 3.29
N SER E 81 -8.82 -2.59 4.02
CA SER E 81 -9.13 -1.17 3.81
C SER E 81 -8.67 -0.68 2.43
N GLN E 82 -7.40 -0.86 2.13
CA GLN E 82 -6.89 -0.42 0.84
C GLN E 82 -7.64 -1.03 -0.33
N GLU E 83 -7.95 -2.31 -0.23
CA GLU E 83 -8.67 -3.00 -1.30
C GLU E 83 -10.17 -2.74 -1.16
N GLY E 84 -10.53 -1.96 -0.17
CA GLY E 84 -11.92 -1.62 0.08
C GLY E 84 -12.90 -2.77 0.17
N ARG E 85 -12.50 -3.89 0.75
CA ARG E 85 -13.37 -5.06 0.87
C ARG E 85 -14.41 -4.98 1.99
N ALA E 86 -14.36 -3.93 2.80
CA ALA E 86 -15.31 -3.79 3.91
C ALA E 86 -16.21 -2.57 3.75
N ALA E 87 -17.51 -2.81 3.74
CA ALA E 87 -18.50 -1.74 3.60
C ALA E 87 -18.20 -0.49 4.44
N LYS E 88 -18.15 -0.65 5.77
CA LYS E 88 -17.88 0.46 6.68
C LYS E 88 -16.47 0.47 7.29
N GLN E 89 -16.04 1.63 7.76
CA GLN E 89 -14.71 1.79 8.32
C GLN E 89 -14.51 1.56 9.81
N GLU E 90 -15.52 1.89 10.60
CA GLU E 90 -15.44 1.76 12.06
C GLU E 90 -14.71 0.50 12.54
N PRO E 91 -15.16 -0.69 12.12
CA PRO E 91 -14.46 -1.91 12.58
C PRO E 91 -12.95 -1.93 12.30
N THR E 92 -12.55 -1.48 11.11
CA THR E 92 -11.14 -1.46 10.75
C THR E 92 -10.39 -0.43 11.59
N LEU E 93 -10.94 0.79 11.66
CA LEU E 93 -10.32 1.85 12.43
C LEU E 93 -10.28 1.53 13.92
N PHE E 94 -11.29 0.81 14.42
CA PHE E 94 -11.29 0.45 15.83
C PHE E 94 -10.21 -0.62 16.05
N ALA E 95 -10.05 -1.53 15.09
CA ALA E 95 -9.05 -2.58 15.19
C ALA E 95 -7.63 -1.98 15.18
N LEU E 96 -7.41 -1.02 14.29
CA LEU E 96 -6.12 -0.36 14.17
C LEU E 96 -5.84 0.48 15.41
N ALA E 97 -6.89 0.84 16.11
CA ALA E 97 -6.76 1.62 17.33
C ALA E 97 -6.32 0.69 18.47
N VAL E 98 -7.00 -0.45 18.61
CA VAL E 98 -6.66 -1.39 19.67
C VAL E 98 -5.20 -1.80 19.47
N CYS E 99 -4.86 -2.13 18.23
CA CYS E 99 -3.49 -2.52 17.91
C CYS E 99 -2.54 -1.39 18.26
N SER E 100 -3.00 -0.15 18.08
CA SER E 100 -2.19 1.03 18.38
C SER E 100 -1.89 1.16 19.88
N GLN E 101 -2.35 0.19 20.66
CA GLN E 101 -2.15 0.24 22.11
C GLN E 101 -1.69 -1.06 22.72
N CYS E 102 -2.04 -2.19 22.11
CA CYS E 102 -1.68 -3.49 22.63
C CYS E 102 -0.29 -3.57 23.27
N SER E 103 -0.08 -4.60 24.07
CA SER E 103 1.19 -4.81 24.73
C SER E 103 2.35 -4.91 23.74
N ASP E 104 2.18 -5.71 22.69
CA ASP E 104 3.23 -5.88 21.70
C ASP E 104 3.69 -4.50 21.22
N ILE E 105 4.99 -4.34 20.95
CA ILE E 105 5.51 -3.05 20.46
C ILE E 105 5.75 -3.14 18.94
N LYS E 106 5.84 -4.37 18.45
CA LYS E 106 6.03 -4.69 17.03
C LYS E 106 4.72 -4.25 16.37
N THR E 107 3.63 -4.74 16.94
CA THR E 107 2.28 -4.46 16.47
C THR E 107 1.93 -2.98 16.58
N LYS E 108 2.26 -2.37 17.71
CA LYS E 108 1.97 -0.95 17.91
C LYS E 108 2.68 -0.12 16.86
N GLN E 109 3.98 -0.35 16.72
CA GLN E 109 4.77 0.36 15.75
C GLN E 109 4.26 0.11 14.34
N ALA E 110 3.65 -1.04 14.13
CA ALA E 110 3.12 -1.36 12.80
C ALA E 110 1.78 -0.68 12.57
N ALA E 111 1.05 -0.46 13.66
CA ALA E 111 -0.24 0.18 13.58
C ALA E 111 -0.12 1.64 13.12
N PHE E 112 0.72 2.42 13.82
CA PHE E 112 0.91 3.83 13.46
C PHE E 112 1.57 3.95 12.11
N ARG E 113 2.32 2.93 11.73
CA ARG E 113 3.04 2.93 10.48
C ARG E 113 2.06 2.85 9.31
N ALA E 114 0.97 2.14 9.50
CA ALA E 114 -0.04 1.96 8.46
C ALA E 114 -1.17 3.01 8.47
N VAL E 115 -1.15 3.90 9.45
CA VAL E 115 -2.18 4.94 9.57
C VAL E 115 -2.49 5.78 8.32
N PRO E 116 -1.47 6.24 7.59
CA PRO E 116 -1.71 7.04 6.38
C PRO E 116 -2.26 6.27 5.17
N GLU E 117 -2.07 4.96 5.17
CA GLU E 117 -2.58 4.15 4.07
C GLU E 117 -3.98 3.61 4.41
N VAL E 118 -4.35 3.75 5.67
CA VAL E 118 -5.65 3.31 6.12
C VAL E 118 -6.56 4.50 6.38
N CYS E 119 -5.97 5.63 6.71
CA CYS E 119 -6.76 6.83 6.96
C CYS E 119 -6.57 7.76 5.79
N ARG E 120 -7.32 7.48 4.72
CA ARG E 120 -7.21 8.27 3.51
C ARG E 120 -7.91 9.61 3.55
N ILE E 121 -8.98 9.72 4.34
CA ILE E 121 -9.67 10.99 4.46
C ILE E 121 -9.77 11.41 5.92
N PRO E 122 -9.88 12.73 6.19
CA PRO E 122 -9.98 13.22 7.57
C PRO E 122 -10.88 12.39 8.49
N THR E 123 -12.09 12.08 8.01
CA THR E 123 -13.05 11.29 8.80
C THR E 123 -12.38 10.04 9.37
N HIS E 124 -11.69 9.30 8.51
CA HIS E 124 -10.98 8.09 8.91
C HIS E 124 -10.09 8.35 10.13
N LEU E 125 -9.34 9.44 10.08
CA LEU E 125 -8.42 9.81 11.15
C LEU E 125 -9.19 10.22 12.40
N PHE E 126 -10.16 11.09 12.23
CA PHE E 126 -10.96 11.55 13.33
C PHE E 126 -11.56 10.36 14.07
N THR E 127 -12.07 9.40 13.31
CA THR E 127 -12.66 8.22 13.91
C THR E 127 -11.59 7.35 14.59
N PHE E 128 -10.38 7.38 14.07
CA PHE E 128 -9.29 6.61 14.64
C PHE E 128 -8.86 7.23 15.96
N ILE E 129 -8.67 8.54 15.97
CA ILE E 129 -8.26 9.27 17.16
C ILE E 129 -9.30 9.18 18.28
N GLN E 130 -10.56 9.22 17.92
CA GLN E 130 -11.64 9.12 18.89
C GLN E 130 -11.66 7.74 19.52
N PHE E 131 -11.32 6.73 18.74
CA PHE E 131 -11.30 5.36 19.27
C PHE E 131 -10.17 5.22 20.29
N LYS E 132 -9.04 5.84 20.00
CA LYS E 132 -7.91 5.80 20.91
C LYS E 132 -8.32 6.43 22.24
N LYS E 133 -9.21 7.42 22.17
CA LYS E 133 -9.70 8.09 23.36
C LYS E 133 -10.64 7.18 24.16
N ASP E 134 -11.56 6.52 23.47
CA ASP E 134 -12.50 5.60 24.13
C ASP E 134 -11.69 4.50 24.83
N LEU E 135 -10.51 4.21 24.29
CA LEU E 135 -9.64 3.19 24.86
C LEU E 135 -8.73 3.86 25.89
N TRP E 144 -1.14 13.52 24.51
CA TRP E 144 -0.83 12.63 23.40
C TRP E 144 0.55 12.00 23.56
N GLY E 145 1.08 11.36 22.51
CA GLY E 145 2.37 10.73 22.68
C GLY E 145 3.25 10.69 21.44
N ARG E 146 4.51 10.30 21.63
CA ARG E 146 5.46 10.23 20.51
C ARG E 146 4.76 9.64 19.28
N ALA E 147 4.50 8.34 19.31
CA ALA E 147 3.85 7.66 18.19
C ALA E 147 2.63 8.40 17.65
N LEU E 148 1.69 8.75 18.52
CA LEU E 148 0.51 9.44 18.06
C LEU E 148 0.85 10.76 17.35
N ARG E 149 1.53 11.66 18.06
CA ARG E 149 1.91 12.96 17.52
C ARG E 149 2.62 12.84 16.19
N LYS E 150 3.49 11.84 16.09
CA LYS E 150 4.25 11.59 14.87
C LYS E 150 3.31 11.14 13.74
N ALA E 151 2.47 10.15 14.03
CA ALA E 151 1.53 9.65 13.02
C ALA E 151 0.61 10.76 12.48
N VAL E 152 0.05 11.57 13.36
CA VAL E 152 -0.83 12.64 12.93
C VAL E 152 -0.07 13.66 12.07
N SER E 153 1.13 14.01 12.49
CA SER E 153 1.94 14.98 11.76
C SER E 153 2.28 14.49 10.37
N ASP E 154 2.72 13.24 10.30
CA ASP E 154 3.04 12.61 9.02
C ASP E 154 1.85 12.63 8.09
N TRP E 155 0.65 12.51 8.67
CA TRP E 155 -0.57 12.50 7.87
C TRP E 155 -0.71 13.79 7.09
N TYR E 156 -0.34 14.91 7.72
CA TYR E 156 -0.44 16.19 7.05
C TYR E 156 0.78 16.59 6.21
N ASN E 157 1.96 16.50 6.80
CA ASN E 157 3.16 16.93 6.09
C ASN E 157 3.56 16.12 4.88
N THR E 158 3.05 14.91 4.75
CA THR E 158 3.39 14.08 3.60
C THR E 158 2.45 14.38 2.45
N LYS E 159 1.41 15.15 2.74
CA LYS E 159 0.44 15.51 1.72
C LYS E 159 0.98 16.66 0.88
N ASP E 160 0.19 17.04 -0.10
CA ASP E 160 0.53 18.13 -1.01
C ASP E 160 -0.37 19.30 -0.59
N ALA E 161 0.23 20.44 -0.29
CA ALA E 161 -0.52 21.62 0.14
C ALA E 161 -1.88 21.72 -0.53
N LEU E 162 -1.90 21.71 -1.85
CA LEU E 162 -3.16 21.84 -2.59
C LEU E 162 -4.16 20.74 -2.27
N ASN E 163 -3.68 19.54 -2.01
CA ASN E 163 -4.57 18.44 -1.68
C ASN E 163 -5.11 18.59 -0.27
N LEU E 164 -4.21 18.91 0.66
CA LEU E 164 -4.57 19.08 2.06
C LEU E 164 -5.64 20.16 2.17
N ALA E 165 -5.49 21.20 1.36
CA ALA E 165 -6.45 22.31 1.35
C ALA E 165 -7.86 21.80 1.09
N MET E 166 -8.01 20.94 0.10
CA MET E 166 -9.32 20.39 -0.24
C MET E 166 -9.79 19.54 0.93
N ALA E 167 -8.94 18.62 1.37
CA ALA E 167 -9.27 17.73 2.46
C ALA E 167 -9.78 18.50 3.69
N VAL E 168 -9.06 19.55 4.08
CA VAL E 168 -9.49 20.32 5.25
C VAL E 168 -10.70 21.23 5.05
N THR E 169 -11.05 21.50 3.80
CA THR E 169 -12.21 22.34 3.54
C THR E 169 -13.43 21.47 3.22
N LYS E 170 -13.17 20.27 2.72
CA LYS E 170 -14.27 19.35 2.42
C LYS E 170 -14.75 18.79 3.75
N TYR E 171 -13.80 18.38 4.59
CA TYR E 171 -14.11 17.81 5.88
C TYR E 171 -13.57 18.72 6.98
N LYS E 172 -14.26 19.79 7.30
CA LYS E 172 -13.77 20.71 8.33
C LYS E 172 -13.64 20.02 9.70
N GLN E 173 -14.64 19.22 10.07
CA GLN E 173 -14.60 18.49 11.33
C GLN E 173 -15.67 17.40 11.36
N ARG E 174 -15.32 16.24 11.91
CA ARG E 174 -16.24 15.12 12.00
C ARG E 174 -16.26 14.51 13.40
N ASN E 175 -17.42 13.99 13.80
CA ASN E 175 -17.58 13.32 15.07
C ASN E 175 -17.04 14.08 16.29
N GLY E 176 -16.86 15.38 16.16
CA GLY E 176 -16.36 16.15 17.28
C GLY E 176 -14.88 16.50 17.22
N TRP E 177 -14.24 16.16 16.11
CA TRP E 177 -12.83 16.45 15.93
C TRP E 177 -12.58 17.30 14.69
N SER E 178 -11.76 18.33 14.84
CA SER E 178 -11.41 19.24 13.75
C SER E 178 -9.92 19.14 13.48
N HIS E 179 -9.46 19.69 12.36
CA HIS E 179 -8.04 19.65 12.05
C HIS E 179 -7.37 20.66 12.97
N LYS E 180 -8.18 21.53 13.55
CA LYS E 180 -7.67 22.53 14.47
C LYS E 180 -7.18 21.88 15.76
N ASP E 181 -7.89 20.87 16.24
CA ASP E 181 -7.48 20.17 17.45
C ASP E 181 -6.30 19.25 17.15
N LEU E 182 -6.37 18.50 16.05
CA LEU E 182 -5.29 17.60 15.71
C LEU E 182 -3.98 18.35 15.48
N LEU E 183 -4.04 19.43 14.71
CA LEU E 183 -2.85 20.22 14.42
C LEU E 183 -2.18 20.71 15.70
N ARG E 184 -3.01 21.07 16.68
CA ARG E 184 -2.54 21.58 17.96
C ARG E 184 -2.07 20.48 18.90
N LEU E 185 -2.81 19.37 18.96
CA LEU E 185 -2.43 18.29 19.86
C LEU E 185 -1.16 17.55 19.42
N SER E 186 -0.88 17.59 18.13
CA SER E 186 0.30 16.90 17.61
C SER E 186 1.49 17.84 17.47
N HIS E 187 1.26 19.13 17.72
CA HIS E 187 2.30 20.16 17.62
C HIS E 187 3.10 20.04 16.33
N ILE E 188 2.42 19.81 15.21
CA ILE E 188 3.06 19.66 13.92
C ILE E 188 3.81 20.92 13.44
N LYS E 189 4.77 20.73 12.55
CA LYS E 189 5.50 21.84 11.97
C LYS E 189 5.46 21.62 10.47
N PRO E 190 4.68 22.46 9.77
CA PRO E 190 4.52 22.40 8.32
C PRO E 190 5.87 22.20 7.64
N ALA E 191 5.93 21.19 6.77
CA ALA E 191 7.16 20.86 6.06
C ALA E 191 7.51 21.83 4.94
N ASN E 192 6.58 22.72 4.59
CA ASN E 192 6.84 23.66 3.52
C ASN E 192 5.88 24.84 3.60
N GLU E 193 6.16 25.85 2.79
CA GLU E 193 5.33 27.05 2.76
C GLU E 193 3.86 26.74 2.46
N GLY E 194 3.62 25.82 1.53
CA GLY E 194 2.25 25.46 1.20
C GLY E 194 1.47 24.95 2.39
N LEU E 195 2.12 24.10 3.20
CA LEU E 195 1.52 23.50 4.38
C LEU E 195 1.30 24.47 5.54
N THR E 196 2.21 25.42 5.70
CA THR E 196 2.08 26.41 6.77
C THR E 196 0.86 27.26 6.51
N MET E 197 0.65 27.58 5.23
CA MET E 197 -0.49 28.40 4.85
C MET E 197 -1.78 27.67 5.21
N VAL E 198 -1.86 26.41 4.81
CA VAL E 198 -3.03 25.60 5.09
C VAL E 198 -3.20 25.47 6.60
N ALA E 199 -2.09 25.25 7.30
CA ALA E 199 -2.14 25.11 8.76
C ALA E 199 -2.63 26.41 9.40
N LYS E 200 -2.09 27.54 8.96
CA LYS E 200 -2.50 28.85 9.48
C LYS E 200 -3.99 29.06 9.16
N TYR E 201 -4.41 28.64 7.97
CA TYR E 201 -5.82 28.77 7.58
C TYR E 201 -6.71 28.03 8.57
N VAL E 202 -6.31 26.82 8.92
CA VAL E 202 -7.05 25.97 9.84
C VAL E 202 -7.11 26.54 11.25
N SER E 203 -5.95 26.66 11.91
CA SER E 203 -5.90 27.17 13.28
C SER E 203 -6.25 28.64 13.49
N LYS E 204 -5.73 29.54 12.66
CA LYS E 204 -5.99 30.97 12.83
C LYS E 204 -7.13 31.54 11.96
N GLY E 205 -7.44 30.89 10.84
CA GLY E 205 -8.52 31.39 10.00
C GLY E 205 -8.07 32.13 8.75
N TRP E 206 -9.01 32.33 7.83
CA TRP E 206 -8.75 33.01 6.55
C TRP E 206 -8.17 34.41 6.71
N LYS E 207 -8.82 35.21 7.54
CA LYS E 207 -8.39 36.58 7.78
C LYS E 207 -6.93 36.59 8.17
N GLU E 208 -6.57 35.80 9.17
CA GLU E 208 -5.19 35.74 9.60
C GLU E 208 -4.19 35.39 8.56
N VAL E 209 -4.62 34.48 7.71
CA VAL E 209 -3.76 34.01 6.65
C VAL E 209 -3.75 35.02 5.53
N GLN E 210 -4.92 35.58 5.23
CA GLN E 210 -5.03 36.56 4.17
C GLN E 210 -4.18 37.77 4.53
N GLU E 211 -4.17 38.10 5.81
CA GLU E 211 -3.42 39.22 6.32
C GLU E 211 -1.91 38.94 6.37
N ALA E 212 -1.55 37.67 6.51
CA ALA E 212 -0.14 37.30 6.58
C ALA E 212 0.52 37.13 5.21
N TYR E 213 -0.29 36.91 4.17
CA TYR E 213 0.24 36.72 2.83
C TYR E 213 -0.13 37.86 1.88
N SER E 219 5.46 31.52 -4.16
CA SER E 219 5.79 30.59 -5.23
C SER E 219 4.56 30.31 -6.07
N PRO E 220 4.76 29.84 -7.32
CA PRO E 220 3.61 29.54 -8.18
C PRO E 220 2.73 28.44 -7.58
N GLU E 221 3.38 27.49 -6.93
CA GLU E 221 2.71 26.36 -6.29
C GLU E 221 1.95 26.81 -5.04
N THR E 222 2.53 27.75 -4.30
CA THR E 222 1.92 28.25 -3.08
C THR E 222 0.74 29.14 -3.42
N GLU E 223 0.86 29.91 -4.49
CA GLU E 223 -0.22 30.79 -4.92
C GLU E 223 -1.45 29.93 -5.22
N LYS E 224 -1.21 28.81 -5.86
CA LYS E 224 -2.28 27.86 -6.20
C LYS E 224 -3.07 27.52 -4.95
N VAL E 225 -2.35 27.27 -3.84
CA VAL E 225 -2.97 26.92 -2.57
C VAL E 225 -3.78 28.08 -1.98
N LEU E 226 -3.25 29.31 -2.06
CA LEU E 226 -3.97 30.47 -1.53
C LEU E 226 -5.24 30.67 -2.36
N LYS E 227 -5.06 30.67 -3.69
CA LYS E 227 -6.17 30.85 -4.64
C LYS E 227 -7.36 30.05 -4.22
N TYR E 228 -7.09 28.77 -4.02
CA TYR E 228 -8.08 27.79 -3.65
C TYR E 228 -8.77 28.14 -2.34
N LEU E 229 -7.97 28.32 -1.30
CA LEU E 229 -8.49 28.68 0.01
C LEU E 229 -9.41 29.88 -0.17
N GLU E 230 -8.95 30.85 -0.96
CA GLU E 230 -9.74 32.04 -1.24
C GLU E 230 -11.06 31.67 -1.88
N ALA E 231 -10.99 30.76 -2.85
CA ALA E 231 -12.19 30.29 -3.53
C ALA E 231 -13.16 29.73 -2.49
N THR E 232 -12.69 28.80 -1.67
CA THR E 232 -13.55 28.20 -0.67
C THR E 232 -14.21 29.23 0.25
N GLU E 233 -13.49 30.30 0.57
CA GLU E 233 -14.09 31.35 1.42
C GLU E 233 -15.12 32.14 0.65
N ARG E 234 -14.79 32.44 -0.60
CA ARG E 234 -15.65 33.21 -1.51
C ARG E 234 -17.02 32.62 -1.78
N VAL E 235 -17.09 31.31 -2.00
CA VAL E 235 -18.36 30.65 -2.28
C VAL E 235 -19.31 30.67 -1.07
N LYS E 236 -18.85 31.24 0.04
CA LYS E 236 -19.65 31.32 1.25
C LYS E 236 -20.08 32.74 1.60
N ARG E 237 -19.64 33.72 0.81
CA ARG E 237 -19.98 35.11 1.07
C ARG E 237 -20.84 35.65 -0.08
N THR E 238 -20.53 35.23 -1.29
CA THR E 238 -21.24 35.66 -2.47
C THR E 238 -22.71 35.26 -2.48
N LYS E 239 -23.55 36.17 -2.98
CA LYS E 239 -24.98 35.89 -3.09
C LYS E 239 -25.24 35.41 -4.52
N ASP E 240 -24.34 35.78 -5.43
CA ASP E 240 -24.46 35.40 -6.84
C ASP E 240 -24.28 33.91 -7.08
N GLU E 241 -25.33 33.26 -7.59
CA GLU E 241 -25.27 31.84 -7.88
C GLU E 241 -24.33 31.58 -9.04
N LEU E 242 -24.34 32.48 -10.02
CA LEU E 242 -23.48 32.32 -11.18
C LEU E 242 -22.01 32.23 -10.79
N GLU E 243 -21.62 33.00 -9.78
CA GLU E 243 -20.23 32.99 -9.33
C GLU E 243 -19.92 31.68 -8.62
N ILE E 244 -20.89 31.17 -7.86
CA ILE E 244 -20.74 29.92 -7.16
C ILE E 244 -20.42 28.85 -8.20
N ILE E 245 -21.33 28.69 -9.15
CA ILE E 245 -21.18 27.72 -10.24
C ILE E 245 -19.81 27.86 -10.86
N HIS E 246 -19.41 29.10 -11.09
CA HIS E 246 -18.11 29.41 -11.69
C HIS E 246 -16.96 28.84 -10.86
N LEU E 247 -16.93 29.16 -9.58
CA LEU E 247 -15.88 28.69 -8.67
C LEU E 247 -15.86 27.16 -8.59
N ILE E 248 -17.04 26.55 -8.61
CA ILE E 248 -17.15 25.11 -8.55
C ILE E 248 -16.40 24.55 -9.75
N ASP E 249 -16.62 25.15 -10.91
CA ASP E 249 -15.96 24.72 -12.14
C ASP E 249 -14.44 24.89 -12.06
N GLU E 250 -14.01 26.07 -11.63
CA GLU E 250 -12.60 26.39 -11.55
C GLU E 250 -11.80 25.64 -10.47
N TYR E 251 -12.42 25.39 -9.32
CA TYR E 251 -11.69 24.70 -8.26
C TYR E 251 -12.24 23.36 -7.82
N ARG E 252 -13.08 22.74 -8.65
CA ARG E 252 -13.63 21.44 -8.28
C ARG E 252 -14.12 21.42 -6.85
N LEU E 253 -14.90 22.43 -6.45
CA LEU E 253 -15.42 22.45 -5.10
C LEU E 253 -16.61 21.47 -5.07
N VAL E 254 -16.82 20.77 -3.96
CA VAL E 254 -17.90 19.82 -3.88
C VAL E 254 -18.98 20.25 -2.88
N ARG E 255 -20.06 19.48 -2.78
CA ARG E 255 -21.19 19.75 -1.90
C ARG E 255 -20.85 20.40 -0.55
N GLU E 256 -19.97 19.76 0.21
CA GLU E 256 -19.54 20.25 1.52
C GLU E 256 -19.05 21.71 1.49
N HIS E 257 -18.63 22.15 0.32
CA HIS E 257 -18.11 23.49 0.13
C HIS E 257 -19.16 24.58 0.06
N LEU E 258 -20.40 24.17 -0.18
CA LEU E 258 -21.49 25.11 -0.33
C LEU E 258 -22.35 25.33 0.91
N LEU E 259 -22.91 26.53 1.04
CA LEU E 259 -23.78 26.85 2.14
C LEU E 259 -25.02 26.04 1.86
N THR E 260 -25.58 25.42 2.89
CA THR E 260 -26.74 24.58 2.71
C THR E 260 -27.97 25.25 2.08
N ILE E 261 -27.97 26.57 2.00
CA ILE E 261 -29.08 27.27 1.38
C ILE E 261 -29.01 27.15 -0.14
N HIS E 262 -27.82 26.87 -0.65
CA HIS E 262 -27.59 26.73 -2.08
C HIS E 262 -27.97 25.35 -2.58
N LEU E 263 -28.07 24.40 -1.65
CA LEU E 263 -28.42 23.03 -1.99
C LEU E 263 -29.88 22.82 -2.34
N LYS E 264 -30.58 23.88 -2.70
CA LYS E 264 -31.97 23.77 -3.07
C LYS E 264 -32.10 24.24 -4.51
N SER E 265 -30.97 24.72 -5.05
CA SER E 265 -30.93 25.22 -6.42
C SER E 265 -30.59 24.16 -7.46
N LYS E 266 -31.51 23.95 -8.38
CA LYS E 266 -31.35 22.99 -9.45
C LYS E 266 -30.02 23.19 -10.19
N GLU E 267 -29.71 24.43 -10.54
CA GLU E 267 -28.49 24.73 -11.27
C GLU E 267 -27.18 24.46 -10.51
N ILE E 268 -27.22 24.59 -9.19
CA ILE E 268 -26.03 24.31 -8.37
C ILE E 268 -25.63 22.84 -8.54
N TRP E 269 -26.62 21.96 -8.39
CA TRP E 269 -26.40 20.53 -8.50
C TRP E 269 -26.03 20.10 -9.92
N LYS E 270 -26.64 20.72 -10.92
CA LYS E 270 -26.32 20.39 -12.30
C LYS E 270 -24.86 20.71 -12.51
N SER E 271 -24.37 21.61 -11.67
CA SER E 271 -22.98 22.03 -11.70
C SER E 271 -22.19 21.12 -10.78
N LEU E 272 -22.88 20.62 -9.75
CA LEU E 272 -22.26 19.73 -8.78
C LEU E 272 -22.15 18.31 -9.32
N LEU E 273 -23.10 17.91 -10.16
CA LEU E 273 -23.12 16.58 -10.75
C LEU E 273 -22.01 16.35 -11.76
N GLN E 274 -21.71 17.39 -12.53
CA GLN E 274 -20.67 17.35 -13.55
C GLN E 274 -19.58 16.32 -13.29
N ASP E 275 -18.85 16.51 -12.19
CA ASP E 275 -17.76 15.62 -11.82
C ASP E 275 -17.88 15.16 -10.38
N MET E 276 -19.11 15.00 -9.94
CA MET E 276 -19.37 14.59 -8.57
C MET E 276 -18.68 13.28 -8.25
N PRO E 277 -18.10 13.19 -7.04
CA PRO E 277 -17.43 11.93 -6.68
C PRO E 277 -18.51 10.84 -6.62
N LEU E 278 -18.11 9.58 -6.83
CA LEU E 278 -19.06 8.47 -6.85
C LEU E 278 -19.92 8.18 -5.62
N THR E 279 -19.35 8.27 -4.42
CA THR E 279 -20.14 8.00 -3.24
C THR E 279 -21.13 9.15 -3.10
N ALA E 280 -20.64 10.36 -3.34
CA ALA E 280 -21.50 11.52 -3.25
C ALA E 280 -22.67 11.31 -4.21
N LEU E 281 -22.34 10.96 -5.45
CA LEU E 281 -23.35 10.72 -6.48
C LEU E 281 -24.31 9.62 -6.07
N LEU E 282 -23.76 8.55 -5.51
CA LEU E 282 -24.58 7.42 -5.08
C LEU E 282 -25.55 7.78 -3.95
N ARG E 283 -25.06 8.51 -2.94
CA ARG E 283 -25.90 8.88 -1.80
C ARG E 283 -26.91 9.98 -2.10
N ASN E 284 -26.79 10.62 -3.26
CA ASN E 284 -27.70 11.71 -3.57
C ASN E 284 -28.51 11.47 -4.83
N LEU E 285 -28.71 10.21 -5.17
CA LEU E 285 -29.49 9.87 -6.35
C LEU E 285 -30.93 10.29 -6.09
N GLY E 286 -31.44 9.94 -4.92
CA GLY E 286 -32.81 10.26 -4.55
C GLY E 286 -33.11 11.75 -4.57
N LYS E 287 -32.24 12.55 -3.99
CA LYS E 287 -32.44 13.98 -3.94
C LYS E 287 -32.39 14.63 -5.31
N MET E 288 -31.45 14.21 -6.15
CA MET E 288 -31.34 14.80 -7.46
C MET E 288 -32.50 14.48 -8.39
N THR E 289 -33.13 13.33 -8.18
CA THR E 289 -34.25 12.94 -9.01
C THR E 289 -35.43 13.82 -8.60
N ALA E 290 -35.58 13.98 -7.29
CA ALA E 290 -36.66 14.79 -6.71
C ALA E 290 -36.59 16.24 -7.15
N ASP E 291 -35.38 16.78 -7.24
CA ASP E 291 -35.19 18.17 -7.64
C ASP E 291 -35.14 18.35 -9.16
N SER E 292 -35.57 17.32 -9.88
CA SER E 292 -35.57 17.37 -11.34
C SER E 292 -34.22 17.57 -11.98
N VAL E 293 -33.15 17.42 -11.21
CA VAL E 293 -31.82 17.58 -11.79
C VAL E 293 -31.52 16.30 -12.56
N LEU E 294 -32.20 15.23 -12.18
CA LEU E 294 -32.05 13.95 -12.86
C LEU E 294 -33.41 13.62 -13.48
N ALA E 295 -33.88 14.51 -14.34
CA ALA E 295 -35.17 14.33 -14.99
C ALA E 295 -35.15 13.20 -15.99
N PRO E 296 -36.27 12.48 -16.12
CA PRO E 296 -36.38 11.36 -17.05
C PRO E 296 -35.96 11.69 -18.47
N ALA E 297 -35.22 10.78 -19.10
CA ALA E 297 -34.74 10.93 -20.48
C ALA E 297 -33.52 11.84 -20.59
N SER E 298 -33.31 12.68 -19.58
CA SER E 298 -32.19 13.62 -19.58
C SER E 298 -30.80 13.08 -19.87
N SER E 299 -29.93 14.01 -20.25
CA SER E 299 -28.55 13.72 -20.56
C SER E 299 -27.89 13.35 -19.23
N GLU E 300 -28.14 14.18 -18.22
CA GLU E 300 -27.61 13.99 -16.87
C GLU E 300 -27.81 12.54 -16.39
N VAL E 301 -29.03 12.06 -16.49
CA VAL E 301 -29.34 10.72 -16.05
C VAL E 301 -28.49 9.73 -16.84
N SER E 302 -28.45 9.91 -18.15
CA SER E 302 -27.66 9.04 -19.00
C SER E 302 -26.22 9.00 -18.48
N SER E 303 -25.73 10.17 -18.11
CA SER E 303 -24.37 10.33 -17.60
C SER E 303 -24.20 9.50 -16.34
N VAL E 304 -25.10 9.70 -15.37
CA VAL E 304 -25.07 8.98 -14.11
C VAL E 304 -24.92 7.47 -14.30
N CYS E 305 -25.85 6.88 -15.04
CA CYS E 305 -25.82 5.45 -15.31
C CYS E 305 -24.48 4.98 -15.88
N GLU E 306 -23.92 5.76 -16.79
CA GLU E 306 -22.65 5.40 -17.39
C GLU E 306 -21.51 5.43 -16.39
N ARG E 307 -21.63 6.26 -15.35
CA ARG E 307 -20.58 6.34 -14.34
C ARG E 307 -20.72 5.21 -13.30
N LEU E 308 -21.94 4.99 -12.82
CA LEU E 308 -22.21 3.96 -11.83
C LEU E 308 -21.85 2.55 -12.30
N THR E 309 -21.82 2.34 -13.62
CA THR E 309 -21.53 1.02 -14.14
C THR E 309 -20.15 0.89 -14.74
N ASN E 310 -19.28 1.83 -14.42
CA ASN E 310 -17.91 1.82 -14.89
C ASN E 310 -17.15 1.10 -13.78
N GLU E 311 -16.84 -0.18 -13.98
CA GLU E 311 -16.17 -0.93 -12.92
C GLU E 311 -14.87 -0.31 -12.46
N LYS E 312 -14.09 0.26 -13.36
CA LYS E 312 -12.82 0.85 -12.95
C LYS E 312 -12.95 2.00 -11.98
N LEU E 313 -13.88 2.91 -12.25
CA LEU E 313 -14.09 4.06 -11.38
C LEU E 313 -14.73 3.63 -10.06
N LEU E 314 -15.63 2.66 -10.13
CA LEU E 314 -16.31 2.12 -8.94
C LEU E 314 -15.21 1.60 -8.04
N LYS E 315 -14.25 0.97 -8.70
CA LYS E 315 -13.09 0.40 -8.07
C LYS E 315 -12.22 1.50 -7.50
N LYS E 316 -11.98 2.53 -8.30
CA LYS E 316 -11.15 3.63 -7.88
C LYS E 316 -11.78 4.37 -6.72
N ALA E 317 -13.10 4.53 -6.75
CA ALA E 317 -13.78 5.23 -5.69
C ALA E 317 -14.06 4.30 -4.51
N ARG E 318 -13.71 3.03 -4.66
CA ARG E 318 -13.91 2.04 -3.61
C ARG E 318 -15.38 1.88 -3.20
N ILE E 319 -16.27 1.82 -4.18
CA ILE E 319 -17.68 1.67 -3.90
C ILE E 319 -17.95 0.22 -3.50
N HIS E 320 -18.34 0.02 -2.25
CA HIS E 320 -18.59 -1.33 -1.78
C HIS E 320 -19.97 -1.79 -2.25
N PRO E 321 -20.16 -3.11 -2.49
CA PRO E 321 -21.47 -3.57 -2.94
C PRO E 321 -22.60 -3.27 -1.96
N PHE E 322 -22.29 -3.28 -0.66
CA PHE E 322 -23.30 -2.99 0.35
C PHE E 322 -23.90 -1.61 0.12
N HIS E 323 -23.03 -0.62 -0.07
CA HIS E 323 -23.47 0.75 -0.31
C HIS E 323 -24.40 0.78 -1.52
N ILE E 324 -24.13 -0.07 -2.50
CA ILE E 324 -24.96 -0.13 -3.68
C ILE E 324 -26.33 -0.71 -3.28
N LEU E 325 -26.31 -1.84 -2.58
CA LEU E 325 -27.54 -2.47 -2.17
C LEU E 325 -28.41 -1.52 -1.36
N VAL E 326 -27.84 -0.83 -0.36
CA VAL E 326 -28.61 0.11 0.46
C VAL E 326 -29.25 1.22 -0.39
N ALA E 327 -28.49 1.77 -1.33
CA ALA E 327 -28.98 2.83 -2.21
C ALA E 327 -30.06 2.32 -3.16
N LEU E 328 -29.86 1.12 -3.68
CA LEU E 328 -30.84 0.58 -4.59
C LEU E 328 -32.15 0.39 -3.86
N GLU E 329 -32.08 -0.24 -2.68
CA GLU E 329 -33.28 -0.49 -1.90
C GLU E 329 -34.02 0.80 -1.59
N THR E 330 -33.29 1.80 -1.09
CA THR E 330 -33.92 3.06 -0.75
C THR E 330 -34.35 3.87 -1.98
N TYR E 331 -33.54 3.87 -3.02
CA TYR E 331 -33.86 4.63 -4.22
C TYR E 331 -35.14 4.19 -4.93
N LYS E 332 -35.33 2.89 -5.12
CA LYS E 332 -36.53 2.38 -5.78
C LYS E 332 -37.77 2.55 -4.92
N LYS E 333 -37.58 2.76 -3.62
CA LYS E 333 -38.70 2.94 -2.72
C LYS E 333 -39.34 4.32 -2.91
N GLY E 334 -38.76 5.11 -3.80
CA GLY E 334 -39.29 6.45 -4.06
C GLY E 334 -39.11 7.42 -2.92
N HIS E 335 -38.91 6.92 -1.71
CA HIS E 335 -38.72 7.76 -0.52
C HIS E 335 -37.69 7.13 0.41
N GLY E 336 -37.12 7.94 1.30
CA GLY E 336 -36.12 7.43 2.21
C GLY E 336 -36.68 6.75 3.45
N ASN E 337 -35.78 6.21 4.27
CA ASN E 337 -36.20 5.55 5.50
C ASN E 337 -36.22 6.56 6.63
N ARG E 338 -35.14 7.30 6.80
CA ARG E 338 -35.07 8.34 7.84
C ARG E 338 -35.31 9.69 7.20
N GLY E 339 -34.96 9.79 5.93
CA GLY E 339 -35.15 11.02 5.18
C GLY E 339 -36.61 11.43 5.15
N LYS E 340 -36.92 12.49 4.41
CA LYS E 340 -38.29 12.96 4.34
C LYS E 340 -38.64 13.57 2.98
N LEU E 341 -38.01 13.07 1.92
CA LEU E 341 -38.28 13.55 0.58
C LEU E 341 -38.78 12.42 -0.28
N ARG E 342 -39.50 12.77 -1.34
CA ARG E 342 -40.06 11.76 -2.24
C ARG E 342 -39.59 12.02 -3.65
N TRP E 343 -39.46 10.94 -4.41
CA TRP E 343 -39.02 11.05 -5.79
C TRP E 343 -39.57 9.88 -6.59
N ILE E 344 -39.80 10.11 -7.88
CA ILE E 344 -40.29 9.07 -8.76
C ILE E 344 -39.03 8.34 -9.21
N PRO E 345 -38.80 7.13 -8.67
CA PRO E 345 -37.59 6.37 -9.04
C PRO E 345 -37.41 6.19 -10.54
N ASP E 346 -36.27 6.64 -11.04
CA ASP E 346 -35.94 6.52 -12.45
C ASP E 346 -35.55 5.08 -12.75
N THR E 347 -36.20 4.47 -13.72
CA THR E 347 -35.92 3.08 -14.07
C THR E 347 -34.56 2.84 -14.68
N SER E 348 -33.96 3.87 -15.26
CA SER E 348 -32.63 3.72 -15.85
C SER E 348 -31.59 3.55 -14.74
N ILE E 349 -31.79 4.32 -13.66
CA ILE E 349 -30.89 4.30 -12.50
C ILE E 349 -31.01 2.99 -11.73
N VAL E 350 -32.24 2.52 -11.55
CA VAL E 350 -32.47 1.28 -10.83
C VAL E 350 -31.78 0.14 -11.57
N GLU E 351 -31.72 0.24 -12.89
CA GLU E 351 -31.09 -0.80 -13.70
C GLU E 351 -29.57 -0.63 -13.73
N ALA E 352 -29.11 0.58 -13.45
CA ALA E 352 -27.68 0.87 -13.45
C ALA E 352 -27.06 0.51 -12.10
N LEU E 353 -27.79 0.77 -11.02
CA LEU E 353 -27.33 0.45 -9.67
C LEU E 353 -27.29 -1.07 -9.53
N ASP E 354 -28.41 -1.68 -9.86
CA ASP E 354 -28.53 -3.12 -9.79
C ASP E 354 -27.47 -3.80 -10.66
N ASN E 355 -26.93 -3.06 -11.62
CA ASN E 355 -25.90 -3.62 -12.50
C ASN E 355 -24.55 -3.35 -11.84
N ALA E 356 -24.42 -2.16 -11.25
CA ALA E 356 -23.18 -1.78 -10.60
C ALA E 356 -22.86 -2.70 -9.43
N PHE E 357 -23.90 -3.23 -8.78
CA PHE E 357 -23.73 -4.13 -7.65
C PHE E 357 -22.76 -5.26 -7.96
N TYR E 358 -22.91 -5.87 -9.12
CA TYR E 358 -22.06 -6.99 -9.51
C TYR E 358 -20.66 -6.60 -9.95
N LYS E 359 -20.50 -5.34 -10.34
CA LYS E 359 -19.19 -4.86 -10.75
C LYS E 359 -18.34 -4.37 -9.60
N SER E 360 -18.94 -4.13 -8.44
CA SER E 360 -18.18 -3.65 -7.29
C SER E 360 -17.34 -4.72 -6.59
N PHE E 361 -17.65 -5.99 -6.83
CA PHE E 361 -16.86 -7.08 -6.24
C PHE E 361 -15.65 -7.33 -7.12
N LYS E 362 -14.56 -7.82 -6.54
CA LYS E 362 -13.39 -8.13 -7.33
C LYS E 362 -13.84 -9.35 -8.12
N LEU E 363 -14.05 -9.15 -9.42
CA LEU E 363 -14.51 -10.22 -10.29
C LEU E 363 -13.40 -11.20 -10.64
N VAL E 364 -13.79 -12.46 -10.84
CA VAL E 364 -12.82 -13.50 -11.17
C VAL E 364 -13.23 -14.37 -12.35
N GLU E 365 -12.25 -15.06 -12.93
CA GLU E 365 -12.49 -15.96 -14.05
C GLU E 365 -13.23 -17.19 -13.53
N PRO E 366 -14.23 -17.68 -14.28
CA PRO E 366 -14.97 -18.85 -13.81
C PRO E 366 -14.09 -20.10 -13.72
N THR E 367 -14.44 -21.04 -12.85
CA THR E 367 -13.66 -22.26 -12.75
C THR E 367 -14.40 -23.38 -13.49
N GLY E 368 -15.71 -23.25 -13.59
CA GLY E 368 -16.52 -24.24 -14.29
C GLY E 368 -17.04 -25.37 -13.44
N LYS E 369 -16.62 -25.41 -12.17
CA LYS E 369 -17.06 -26.45 -11.25
C LYS E 369 -18.58 -26.44 -11.06
N ARG E 370 -19.06 -27.44 -10.31
CA ARG E 370 -20.48 -27.57 -10.02
C ARG E 370 -20.72 -27.03 -8.61
N PHE E 371 -21.47 -25.94 -8.52
CA PHE E 371 -21.74 -25.35 -7.22
C PHE E 371 -23.17 -25.48 -6.75
N LEU E 372 -23.33 -25.70 -5.45
CA LEU E 372 -24.65 -25.76 -4.83
C LEU E 372 -24.58 -24.56 -3.88
N LEU E 373 -25.45 -23.59 -4.11
CA LEU E 373 -25.48 -22.40 -3.28
C LEU E 373 -26.74 -22.44 -2.41
N ALA E 374 -26.55 -22.54 -1.09
CA ALA E 374 -27.67 -22.61 -0.15
C ALA E 374 -27.81 -21.40 0.78
N ILE E 375 -28.97 -20.76 0.70
CA ILE E 375 -29.26 -19.58 1.51
C ILE E 375 -30.08 -19.87 2.77
N ASP E 376 -29.50 -19.60 3.92
CA ASP E 376 -30.17 -19.80 5.18
C ASP E 376 -31.27 -18.74 5.28
N VAL E 377 -32.53 -19.15 5.26
CA VAL E 377 -33.65 -18.22 5.33
C VAL E 377 -34.49 -18.32 6.61
N SER E 378 -33.89 -18.88 7.66
CA SER E 378 -34.57 -19.04 8.96
C SER E 378 -34.83 -17.69 9.64
N ALA E 379 -35.70 -17.70 10.65
CA ALA E 379 -36.08 -16.50 11.39
C ALA E 379 -34.91 -15.60 11.78
N SER E 380 -33.84 -16.20 12.29
CA SER E 380 -32.68 -15.44 12.70
C SER E 380 -32.09 -14.59 11.57
N MET E 381 -32.13 -15.10 10.35
CA MET E 381 -31.58 -14.35 9.21
C MET E 381 -32.36 -13.05 8.93
N ASN E 382 -33.27 -12.74 9.85
CA ASN E 382 -34.08 -11.55 9.79
C ASN E 382 -33.25 -10.43 10.41
N GLN E 383 -32.23 -10.81 11.17
CA GLN E 383 -31.33 -9.87 11.82
C GLN E 383 -30.79 -8.85 10.82
N ARG E 384 -30.72 -7.60 11.25
CA ARG E 384 -30.23 -6.54 10.40
C ARG E 384 -28.70 -6.48 10.32
N VAL E 385 -28.20 -6.20 9.11
CA VAL E 385 -26.77 -6.11 8.87
C VAL E 385 -26.29 -4.68 8.87
N LEU E 386 -25.07 -4.47 9.36
CA LEU E 386 -24.43 -3.16 9.41
C LEU E 386 -25.35 -2.03 9.85
N GLY E 387 -26.27 -2.34 10.75
CA GLY E 387 -27.20 -1.34 11.25
C GLY E 387 -27.97 -0.69 10.13
N SER E 388 -28.12 -1.43 9.03
CA SER E 388 -28.87 -0.94 7.88
C SER E 388 -30.25 -1.57 7.89
N ILE E 389 -30.92 -1.44 6.75
CA ILE E 389 -32.27 -1.95 6.60
C ILE E 389 -32.29 -3.25 5.84
N LEU E 390 -31.12 -3.76 5.53
CA LEU E 390 -31.02 -5.03 4.85
C LEU E 390 -30.81 -6.08 5.92
N ASN E 391 -31.35 -7.28 5.72
CA ASN E 391 -31.15 -8.34 6.71
C ASN E 391 -30.17 -9.38 6.16
N ALA E 392 -29.75 -10.33 7.00
CA ALA E 392 -28.79 -11.31 6.51
C ALA E 392 -29.39 -12.09 5.35
N SER E 393 -30.69 -12.32 5.41
CA SER E 393 -31.34 -13.08 4.36
C SER E 393 -31.05 -12.47 2.98
N VAL E 394 -31.39 -11.18 2.83
CA VAL E 394 -31.20 -10.44 1.59
C VAL E 394 -29.73 -10.42 1.13
N VAL E 395 -28.84 -10.08 2.05
CA VAL E 395 -27.43 -10.03 1.76
C VAL E 395 -26.90 -11.39 1.29
N ALA E 396 -27.30 -12.45 2.00
CA ALA E 396 -26.86 -13.78 1.63
C ALA E 396 -27.33 -14.10 0.21
N ALA E 397 -28.55 -13.70 -0.11
CA ALA E 397 -29.10 -13.96 -1.43
C ALA E 397 -28.29 -13.22 -2.48
N ALA E 398 -27.93 -11.97 -2.19
CA ALA E 398 -27.14 -11.16 -3.13
C ALA E 398 -25.79 -11.81 -3.38
N MET E 399 -25.12 -12.24 -2.31
CA MET E 399 -23.82 -12.91 -2.45
C MET E 399 -24.03 -14.14 -3.30
N CYS E 400 -25.19 -14.76 -3.12
CA CYS E 400 -25.56 -15.96 -3.84
C CYS E 400 -25.69 -15.65 -5.34
N MET E 401 -26.41 -14.58 -5.65
CA MET E 401 -26.59 -14.19 -7.04
C MET E 401 -25.22 -13.94 -7.66
N LEU E 402 -24.32 -13.30 -6.93
CA LEU E 402 -22.98 -13.02 -7.45
C LEU E 402 -22.25 -14.30 -7.89
N VAL E 403 -22.16 -15.26 -6.99
CA VAL E 403 -21.49 -16.53 -7.28
C VAL E 403 -22.19 -17.30 -8.40
N ALA E 404 -23.50 -17.16 -8.48
CA ALA E 404 -24.28 -17.84 -9.51
C ALA E 404 -24.13 -17.24 -10.92
N ARG E 405 -23.80 -15.95 -11.00
CA ARG E 405 -23.68 -15.34 -12.32
C ARG E 405 -22.25 -15.42 -12.84
N THR E 406 -21.36 -15.97 -12.04
CA THR E 406 -19.96 -16.16 -12.42
C THR E 406 -19.73 -17.61 -12.83
N GLU E 407 -20.27 -18.52 -12.04
CA GLU E 407 -20.17 -19.97 -12.28
C GLU E 407 -21.53 -20.39 -12.75
N LYS E 408 -21.73 -20.48 -14.06
CA LYS E 408 -23.04 -20.87 -14.58
C LYS E 408 -23.54 -22.21 -14.07
N ASP E 409 -22.64 -23.16 -13.89
CA ASP E 409 -23.07 -24.46 -13.40
C ASP E 409 -23.30 -24.36 -11.91
N SER E 410 -24.43 -23.77 -11.52
CA SER E 410 -24.75 -23.61 -10.12
C SER E 410 -26.25 -23.61 -9.85
N HIS E 411 -26.66 -24.43 -8.88
CA HIS E 411 -28.07 -24.52 -8.51
C HIS E 411 -28.25 -23.86 -7.13
N MET E 412 -29.16 -22.91 -7.03
CA MET E 412 -29.42 -22.18 -5.78
C MET E 412 -30.57 -22.80 -5.01
N VAL E 413 -30.45 -22.82 -3.69
CA VAL E 413 -31.50 -23.35 -2.84
C VAL E 413 -31.58 -22.57 -1.53
N ALA E 414 -32.78 -22.53 -0.95
CA ALA E 414 -33.02 -21.84 0.32
C ALA E 414 -33.47 -22.83 1.37
N PHE E 415 -33.17 -22.56 2.65
CA PHE E 415 -33.56 -23.49 3.71
C PHE E 415 -33.65 -22.84 5.08
N SER E 416 -34.45 -23.46 5.93
CA SER E 416 -34.63 -23.05 7.31
C SER E 416 -34.49 -24.38 8.07
N ASP E 417 -35.62 -24.97 8.47
CA ASP E 417 -35.59 -26.27 9.16
C ASP E 417 -36.11 -27.31 8.18
N GLU E 418 -36.26 -26.89 6.93
CA GLU E 418 -36.73 -27.74 5.83
C GLU E 418 -36.33 -27.08 4.52
N MET E 419 -36.26 -27.86 3.45
CA MET E 419 -35.92 -27.30 2.15
C MET E 419 -37.13 -26.52 1.64
N LEU E 420 -36.91 -25.29 1.21
CA LEU E 420 -37.99 -24.46 0.67
C LEU E 420 -37.74 -24.16 -0.78
N PRO E 421 -38.81 -24.02 -1.57
CA PRO E 421 -38.57 -23.72 -2.98
C PRO E 421 -37.76 -22.43 -3.08
N CYS E 422 -36.70 -22.43 -3.90
CA CYS E 422 -35.87 -21.25 -4.03
C CYS E 422 -36.68 -20.15 -4.73
N PRO E 423 -36.95 -19.05 -4.02
CA PRO E 423 -37.72 -17.89 -4.47
C PRO E 423 -37.08 -17.02 -5.54
N ILE E 424 -35.77 -17.12 -5.71
CA ILE E 424 -35.09 -16.30 -6.71
C ILE E 424 -34.41 -17.07 -7.82
N THR E 425 -34.13 -16.37 -8.91
CA THR E 425 -33.45 -16.99 -10.05
C THR E 425 -32.31 -16.13 -10.55
N VAL E 426 -31.40 -16.76 -11.27
CA VAL E 426 -30.22 -16.10 -11.80
C VAL E 426 -30.50 -14.87 -12.65
N ASN E 427 -31.65 -14.82 -13.29
CA ASN E 427 -31.97 -13.70 -14.17
C ASN E 427 -32.72 -12.55 -13.52
N MET E 428 -32.99 -12.64 -12.23
CA MET E 428 -33.73 -11.58 -11.56
C MET E 428 -32.88 -10.37 -11.28
N LEU E 429 -33.54 -9.21 -11.23
CA LEU E 429 -32.88 -7.94 -10.93
C LEU E 429 -32.78 -7.94 -9.41
N LEU E 430 -31.75 -7.31 -8.88
CA LEU E 430 -31.52 -7.31 -7.44
C LEU E 430 -32.68 -6.94 -6.53
N HIS E 431 -33.51 -5.99 -6.94
CA HIS E 431 -34.60 -5.62 -6.04
C HIS E 431 -35.75 -6.61 -6.06
N GLU E 432 -35.77 -7.52 -7.04
CA GLU E 432 -36.83 -8.52 -7.07
C GLU E 432 -36.40 -9.62 -6.12
N VAL E 433 -35.09 -9.82 -5.98
CA VAL E 433 -34.58 -10.85 -5.08
C VAL E 433 -34.73 -10.36 -3.66
N VAL E 434 -34.79 -9.05 -3.49
CA VAL E 434 -34.92 -8.48 -2.15
C VAL E 434 -36.31 -8.73 -1.57
N GLU E 435 -37.33 -8.31 -2.29
CA GLU E 435 -38.68 -8.49 -1.80
C GLU E 435 -39.08 -9.96 -1.74
N LYS E 436 -38.43 -10.80 -2.55
CA LYS E 436 -38.77 -12.22 -2.54
C LYS E 436 -38.24 -12.87 -1.26
N MET E 437 -37.10 -12.39 -0.75
CA MET E 437 -36.51 -12.92 0.48
C MET E 437 -37.40 -12.43 1.62
N SER E 438 -38.14 -11.36 1.33
CA SER E 438 -39.05 -10.75 2.28
C SER E 438 -40.09 -11.75 2.77
N ASP E 439 -40.90 -12.22 1.84
CA ASP E 439 -41.99 -13.16 2.13
C ASP E 439 -41.54 -14.50 2.69
N ILE E 440 -40.27 -14.85 2.50
CA ILE E 440 -39.80 -16.16 2.92
C ILE E 440 -38.93 -16.32 4.16
N THR E 441 -38.33 -15.25 4.67
CA THR E 441 -37.48 -15.39 5.86
C THR E 441 -38.28 -15.69 7.13
N MET E 442 -37.95 -16.82 7.77
CA MET E 442 -38.63 -17.30 8.98
C MET E 442 -38.24 -18.74 9.29
N GLY E 443 -38.70 -19.27 10.42
CA GLY E 443 -38.39 -20.65 10.77
C GLY E 443 -37.10 -20.92 11.54
N SER E 444 -36.91 -22.19 11.92
CA SER E 444 -35.72 -22.61 12.64
C SER E 444 -34.61 -22.98 11.68
N THR E 445 -33.45 -23.33 12.23
CA THR E 445 -32.28 -23.60 11.41
C THR E 445 -31.72 -25.02 11.39
N ASP E 446 -31.69 -25.64 10.21
CA ASP E 446 -31.12 -26.96 10.03
C ASP E 446 -30.07 -26.86 8.93
N CYS E 447 -28.86 -26.44 9.30
CA CYS E 447 -27.77 -26.26 8.37
C CYS E 447 -27.19 -27.49 7.71
N ALA E 448 -27.83 -28.64 7.86
CA ALA E 448 -27.32 -29.85 7.22
C ALA E 448 -28.20 -30.17 6.01
N LEU E 449 -29.35 -29.50 5.92
CA LEU E 449 -30.29 -29.75 4.84
C LEU E 449 -29.71 -29.74 3.43
N PRO E 450 -28.87 -28.74 3.11
CA PRO E 450 -28.27 -28.66 1.77
C PRO E 450 -27.60 -29.96 1.35
N MET E 451 -26.57 -30.36 2.10
CA MET E 451 -25.86 -31.58 1.80
C MET E 451 -26.88 -32.70 1.69
N LEU E 452 -27.69 -32.85 2.73
CA LEU E 452 -28.71 -33.88 2.76
C LEU E 452 -29.63 -33.83 1.54
N TRP E 453 -30.11 -32.65 1.19
CA TRP E 453 -30.98 -32.54 0.02
C TRP E 453 -30.21 -33.02 -1.21
N ALA E 454 -28.99 -32.52 -1.33
CA ALA E 454 -28.12 -32.88 -2.44
C ALA E 454 -27.95 -34.39 -2.66
N GLN E 455 -27.73 -35.14 -1.59
CA GLN E 455 -27.53 -36.59 -1.73
C GLN E 455 -28.81 -37.25 -2.21
N LYS E 456 -29.90 -36.86 -1.56
CA LYS E 456 -31.25 -37.36 -1.83
C LYS E 456 -31.79 -37.16 -3.23
N THR E 457 -31.41 -36.05 -3.84
CA THR E 457 -31.85 -35.73 -5.19
C THR E 457 -30.74 -36.15 -6.13
N ASN E 458 -29.80 -36.93 -5.60
CA ASN E 458 -28.68 -37.42 -6.36
C ASN E 458 -28.08 -36.27 -7.15
N THR E 459 -28.06 -35.09 -6.54
CA THR E 459 -27.52 -33.91 -7.19
C THR E 459 -26.01 -33.80 -6.96
N ALA E 460 -25.26 -33.69 -8.04
CA ALA E 460 -23.81 -33.59 -7.98
C ALA E 460 -23.32 -32.16 -7.78
N ALA E 461 -22.24 -32.01 -7.00
CA ALA E 461 -21.62 -30.70 -6.75
C ALA E 461 -20.20 -30.88 -6.20
N ASP E 462 -19.30 -29.98 -6.56
CA ASP E 462 -17.94 -30.07 -6.10
C ASP E 462 -17.76 -29.11 -4.94
N ILE E 463 -18.60 -28.07 -4.96
CA ILE E 463 -18.56 -27.07 -3.94
C ILE E 463 -19.95 -26.80 -3.39
N PHE E 464 -20.00 -26.59 -2.09
CA PHE E 464 -21.22 -26.25 -1.39
C PHE E 464 -20.89 -24.94 -0.75
N ILE E 465 -21.76 -23.96 -0.96
CA ILE E 465 -21.57 -22.66 -0.30
C ILE E 465 -22.87 -22.42 0.47
N VAL E 466 -22.75 -22.35 1.79
CA VAL E 466 -23.90 -22.14 2.65
C VAL E 466 -23.79 -20.76 3.27
N PHE E 467 -24.76 -19.89 2.99
CA PHE E 467 -24.74 -18.55 3.53
C PHE E 467 -25.58 -18.58 4.81
N THR E 468 -24.88 -18.70 5.92
CA THR E 468 -25.53 -18.82 7.21
C THR E 468 -24.81 -18.09 8.34
N ASP E 469 -25.45 -18.04 9.51
CA ASP E 469 -24.86 -17.41 10.70
C ASP E 469 -24.39 -18.53 11.65
N CYS E 470 -24.52 -19.76 11.16
CA CYS E 470 -24.09 -20.97 11.87
C CYS E 470 -24.85 -21.32 13.15
N GLU E 471 -25.99 -20.66 13.36
CA GLU E 471 -26.80 -20.90 14.53
C GLU E 471 -27.79 -22.04 14.23
N THR E 472 -27.26 -23.21 13.90
CA THR E 472 -28.08 -24.36 13.59
C THR E 472 -28.73 -24.82 14.91
N ASN E 473 -29.97 -25.33 14.85
CA ASN E 473 -30.65 -25.70 16.08
C ASN E 473 -31.69 -26.82 16.03
N VAL E 474 -31.70 -27.62 14.98
CA VAL E 474 -32.68 -28.71 14.95
C VAL E 474 -31.98 -30.03 15.25
N GLU E 475 -32.77 -31.02 15.65
CA GLU E 475 -32.24 -32.33 16.00
C GLU E 475 -32.13 -33.19 14.74
N ASP E 476 -31.05 -32.91 14.01
CA ASP E 476 -30.74 -33.56 12.75
C ASP E 476 -29.22 -33.77 12.81
N VAL E 477 -28.67 -34.59 11.94
CA VAL E 477 -27.24 -34.81 11.95
C VAL E 477 -26.46 -33.50 11.77
N HIS E 478 -25.22 -33.47 12.26
CA HIS E 478 -24.35 -32.30 12.12
C HIS E 478 -24.04 -32.06 10.63
N PRO E 479 -24.03 -30.78 10.21
CA PRO E 479 -23.74 -30.49 8.80
C PRO E 479 -22.45 -31.12 8.31
N ALA E 480 -21.42 -31.13 9.17
CA ALA E 480 -20.14 -31.73 8.78
C ALA E 480 -20.36 -33.23 8.52
N THR E 481 -21.24 -33.83 9.31
CA THR E 481 -21.57 -35.23 9.17
C THR E 481 -22.33 -35.42 7.86
N ALA E 482 -23.20 -34.45 7.57
CA ALA E 482 -24.01 -34.48 6.34
C ALA E 482 -23.13 -34.43 5.10
N LEU E 483 -22.06 -33.66 5.17
CA LEU E 483 -21.14 -33.54 4.03
C LEU E 483 -20.40 -34.86 3.81
N LYS E 484 -19.87 -35.44 4.89
CA LYS E 484 -19.15 -36.71 4.77
C LYS E 484 -20.08 -37.77 4.15
N GLN E 485 -21.28 -37.91 4.72
CA GLN E 485 -22.23 -38.88 4.20
C GLN E 485 -22.44 -38.61 2.72
N TYR E 486 -22.37 -37.33 2.33
CA TYR E 486 -22.53 -36.97 0.94
C TYR E 486 -21.34 -37.48 0.12
N ARG E 487 -20.14 -37.11 0.55
CA ARG E 487 -18.95 -37.54 -0.16
C ARG E 487 -19.04 -39.05 -0.43
N GLU E 488 -19.13 -39.84 0.63
CA GLU E 488 -19.22 -41.29 0.51
C GLU E 488 -20.32 -41.75 -0.43
N LYS E 489 -21.52 -41.22 -0.23
CA LYS E 489 -22.62 -41.64 -1.08
C LYS E 489 -22.41 -41.30 -2.55
N MET E 490 -22.10 -40.05 -2.85
CA MET E 490 -21.92 -39.61 -4.24
C MET E 490 -20.56 -39.91 -4.85
N GLY E 491 -19.57 -40.23 -4.02
CA GLY E 491 -18.25 -40.52 -4.55
C GLY E 491 -17.55 -39.29 -5.09
N ILE E 492 -17.91 -38.13 -4.55
CA ILE E 492 -17.29 -36.85 -4.94
C ILE E 492 -16.60 -36.24 -3.72
N PRO E 493 -15.42 -35.63 -3.91
CA PRO E 493 -14.69 -35.02 -2.79
C PRO E 493 -15.28 -33.67 -2.39
N ALA E 494 -16.58 -33.49 -2.64
CA ALA E 494 -17.29 -32.24 -2.33
C ALA E 494 -16.70 -31.43 -1.16
N LYS E 495 -16.45 -30.14 -1.40
CA LYS E 495 -15.91 -29.26 -0.38
C LYS E 495 -17.04 -28.44 0.23
N LEU E 496 -16.79 -27.78 1.34
CA LEU E 496 -17.82 -26.96 1.98
C LEU E 496 -17.30 -25.60 2.42
N ILE E 497 -17.88 -24.55 1.84
CA ILE E 497 -17.52 -23.17 2.16
C ILE E 497 -18.67 -22.56 2.93
N VAL E 498 -18.39 -22.11 4.14
CA VAL E 498 -19.43 -21.51 4.97
C VAL E 498 -19.26 -20.02 4.92
N CYS E 499 -20.18 -19.35 4.24
CA CYS E 499 -20.09 -17.91 4.14
C CYS E 499 -20.82 -17.28 5.32
N ALA E 500 -20.06 -16.76 6.28
CA ALA E 500 -20.61 -16.14 7.50
C ALA E 500 -21.37 -14.85 7.25
N MET E 501 -22.50 -14.70 7.95
CA MET E 501 -23.33 -13.51 7.78
C MET E 501 -23.27 -12.58 9.00
N THR E 502 -22.50 -12.96 10.01
CA THR E 502 -22.37 -12.11 11.21
C THR E 502 -20.96 -12.14 11.75
N SER E 503 -20.75 -11.50 12.90
CA SER E 503 -19.43 -11.47 13.52
C SER E 503 -19.40 -12.33 14.80
N ASN E 504 -20.38 -13.23 14.93
CA ASN E 504 -20.41 -14.15 16.09
C ASN E 504 -19.22 -15.06 15.85
N GLY E 505 -18.83 -15.85 16.85
CA GLY E 505 -17.70 -16.73 16.67
C GLY E 505 -18.00 -18.20 16.40
N PHE E 506 -19.10 -18.48 15.72
CA PHE E 506 -19.50 -19.85 15.40
C PHE E 506 -19.31 -20.29 13.94
N SER E 507 -19.13 -21.59 13.75
CA SER E 507 -18.95 -22.12 12.40
C SER E 507 -19.32 -23.59 12.35
N ILE E 508 -20.07 -23.97 11.31
CA ILE E 508 -20.44 -25.37 11.14
C ILE E 508 -19.36 -26.08 10.34
N ALA E 509 -18.21 -25.41 10.16
CA ALA E 509 -17.09 -25.97 9.41
C ALA E 509 -16.07 -26.64 10.33
N ASP E 510 -15.75 -27.90 10.03
CA ASP E 510 -14.80 -28.68 10.80
C ASP E 510 -13.36 -28.28 10.50
N PRO E 511 -12.66 -27.71 11.50
CA PRO E 511 -11.27 -27.27 11.32
C PRO E 511 -10.34 -28.42 10.91
N ASP E 512 -10.70 -29.65 11.26
CA ASP E 512 -9.86 -30.78 10.92
C ASP E 512 -10.10 -31.36 9.52
N ASP E 513 -11.05 -30.80 8.79
CA ASP E 513 -11.31 -31.26 7.43
C ASP E 513 -10.79 -30.21 6.44
N ARG E 514 -9.79 -30.58 5.65
CA ARG E 514 -9.21 -29.65 4.69
C ARG E 514 -10.18 -29.22 3.57
N GLY E 515 -11.30 -29.91 3.45
CA GLY E 515 -12.26 -29.57 2.42
C GLY E 515 -13.34 -28.61 2.88
N MET E 516 -13.18 -28.09 4.09
CA MET E 516 -14.15 -27.15 4.63
C MET E 516 -13.48 -25.81 4.93
N LEU E 517 -14.01 -24.75 4.33
CA LEU E 517 -13.44 -23.43 4.49
C LEU E 517 -14.40 -22.44 5.14
N ASP E 518 -13.84 -21.49 5.90
CA ASP E 518 -14.63 -20.49 6.59
C ASP E 518 -14.36 -19.13 5.98
N ILE E 519 -15.33 -18.55 5.27
CA ILE E 519 -15.11 -17.24 4.69
C ILE E 519 -16.16 -16.26 5.22
N CYS E 520 -15.93 -14.99 4.96
CA CYS E 520 -16.85 -13.96 5.42
C CYS E 520 -17.78 -13.46 4.34
N GLY E 521 -19.03 -13.22 4.70
CA GLY E 521 -19.99 -12.71 3.75
C GLY E 521 -19.78 -11.22 3.51
N PHE E 522 -20.03 -10.79 2.29
CA PHE E 522 -19.87 -9.38 1.95
C PHE E 522 -18.47 -8.79 2.06
N ASP E 523 -17.51 -9.60 1.62
CA ASP E 523 -16.13 -9.20 1.53
C ASP E 523 -16.10 -9.04 0.01
N SER E 524 -15.87 -7.82 -0.49
CA SER E 524 -15.85 -7.63 -1.93
C SER E 524 -14.80 -8.51 -2.59
N GLY E 525 -13.95 -9.12 -1.78
CA GLY E 525 -12.93 -10.01 -2.31
C GLY E 525 -13.30 -11.46 -2.11
N ALA E 526 -14.48 -11.70 -1.55
CA ALA E 526 -14.97 -13.04 -1.31
C ALA E 526 -14.79 -13.97 -2.52
N LEU E 527 -15.08 -13.45 -3.70
CA LEU E 527 -14.97 -14.19 -4.95
C LEU E 527 -13.62 -14.86 -5.16
N ASP E 528 -12.53 -14.14 -4.88
CA ASP E 528 -11.19 -14.67 -5.07
C ASP E 528 -10.90 -15.80 -4.08
N VAL E 529 -11.34 -15.64 -2.83
CA VAL E 529 -11.11 -16.67 -1.82
C VAL E 529 -11.85 -17.97 -2.16
N ILE E 530 -13.10 -17.85 -2.58
CA ILE E 530 -13.87 -19.03 -2.94
C ILE E 530 -13.20 -19.72 -4.12
N ARG E 531 -12.66 -18.93 -5.03
CA ARG E 531 -12.00 -19.49 -6.19
C ARG E 531 -10.74 -20.22 -5.81
N ASN E 532 -9.85 -19.54 -5.10
CA ASN E 532 -8.59 -20.15 -4.68
C ASN E 532 -8.83 -21.48 -3.98
N PHE E 533 -9.92 -21.56 -3.23
CA PHE E 533 -10.22 -22.78 -2.52
C PHE E 533 -10.76 -23.85 -3.46
N THR E 534 -11.65 -23.46 -4.38
CA THR E 534 -12.20 -24.41 -5.33
C THR E 534 -11.07 -25.07 -6.12
N LEU E 535 -10.10 -24.25 -6.52
CA LEU E 535 -8.96 -24.72 -7.30
C LEU E 535 -7.82 -25.35 -6.48
N ASP E 536 -8.08 -25.72 -5.23
CA ASP E 536 -7.07 -26.34 -4.37
C ASP E 536 -5.82 -25.49 -4.21
N LEU E 537 -6.00 -24.25 -3.79
CA LEU E 537 -4.86 -23.34 -3.61
C LEU E 537 -4.80 -22.90 -2.14
N MET F 5 41.13 -25.83 15.05
CA MET F 5 39.96 -25.46 14.18
C MET F 5 39.87 -23.97 13.83
N ASP F 6 40.00 -23.65 12.55
CA ASP F 6 39.93 -22.27 12.11
C ASP F 6 38.95 -22.15 10.95
N GLN F 7 38.91 -20.98 10.32
CA GLN F 7 38.00 -20.72 9.20
C GLN F 7 38.24 -21.61 7.98
N THR F 8 39.42 -22.21 7.89
CA THR F 8 39.74 -23.09 6.77
C THR F 8 38.90 -24.36 6.86
N GLN F 9 38.34 -24.62 8.04
CA GLN F 9 37.54 -25.81 8.25
C GLN F 9 36.10 -25.47 8.64
N PRO F 10 35.14 -26.38 8.34
CA PRO F 10 33.73 -26.19 8.64
C PRO F 10 33.41 -26.44 10.11
N LEU F 11 32.57 -25.58 10.70
CA LEU F 11 32.17 -25.73 12.09
C LEU F 11 31.16 -26.85 12.18
N ASN F 12 30.33 -26.96 11.16
CA ASN F 12 29.35 -28.03 11.11
C ASN F 12 28.88 -28.24 9.68
N GLU F 13 28.19 -29.34 9.47
CA GLU F 13 27.68 -29.71 8.15
C GLU F 13 27.07 -28.53 7.41
N LYS F 14 26.14 -27.85 8.07
CA LYS F 14 25.45 -26.72 7.47
C LYS F 14 26.34 -25.75 6.71
N GLN F 15 27.48 -25.37 7.29
CA GLN F 15 28.41 -24.45 6.63
C GLN F 15 28.80 -24.88 5.22
N VAL F 16 29.21 -23.90 4.41
CA VAL F 16 29.65 -24.11 3.04
C VAL F 16 30.89 -23.24 2.85
N PRO F 17 31.71 -23.51 1.83
CA PRO F 17 32.95 -22.76 1.54
C PRO F 17 32.73 -21.37 0.87
N ASN F 18 33.55 -20.35 1.19
CA ASN F 18 33.38 -19.05 0.53
C ASN F 18 33.91 -19.20 -0.86
N SER F 19 34.25 -18.01 -1.33
CA SER F 19 34.85 -17.71 -2.60
C SER F 19 36.35 -17.76 -2.32
N GLU F 20 36.72 -17.98 -1.06
CA GLU F 20 38.12 -18.04 -0.71
C GLU F 20 38.47 -19.41 -0.15
N GLY F 21 37.48 -20.27 -0.05
CA GLY F 21 37.73 -21.61 0.46
C GLY F 21 37.43 -21.78 1.93
N CYS F 22 37.34 -20.68 2.68
CA CYS F 22 37.04 -20.75 4.11
C CYS F 22 35.57 -20.93 4.33
N TYR F 23 35.19 -21.51 5.45
CA TYR F 23 33.77 -21.78 5.69
C TYR F 23 32.89 -20.75 6.39
N VAL F 24 31.68 -20.62 5.85
CA VAL F 24 30.67 -19.72 6.39
C VAL F 24 29.29 -20.38 6.21
N TRP F 25 28.25 -19.68 6.62
CA TRP F 25 26.92 -20.22 6.47
C TRP F 25 26.26 -19.61 5.26
N GLN F 26 25.20 -20.24 4.78
CA GLN F 26 24.51 -19.69 3.65
C GLN F 26 23.31 -18.90 4.16
N VAL F 27 23.36 -17.60 3.92
CA VAL F 27 22.29 -16.70 4.28
C VAL F 27 20.94 -17.31 3.90
N SER F 28 19.91 -17.09 4.72
CA SER F 28 18.60 -17.63 4.38
C SER F 28 18.18 -16.97 3.07
N ASP F 29 17.41 -17.69 2.25
CA ASP F 29 16.96 -17.17 0.97
C ASP F 29 16.21 -15.85 1.11
N MET F 30 15.35 -15.75 2.12
CA MET F 30 14.59 -14.53 2.37
C MET F 30 15.53 -13.36 2.59
N ASN F 31 16.59 -13.61 3.36
CA ASN F 31 17.54 -12.55 3.62
C ASN F 31 18.35 -12.21 2.38
N ARG F 32 18.57 -13.20 1.52
CA ARG F 32 19.31 -12.94 0.31
C ARG F 32 18.41 -12.15 -0.64
N LEU F 33 17.11 -12.27 -0.46
CA LEU F 33 16.21 -11.51 -1.28
C LEU F 33 16.44 -10.05 -0.96
N ARG F 34 16.54 -9.75 0.33
CA ARG F 34 16.75 -8.36 0.74
C ARG F 34 18.09 -7.84 0.27
N ARG F 35 19.14 -8.65 0.42
CA ARG F 35 20.46 -8.22 -0.04
C ARG F 35 20.32 -7.82 -1.51
N PHE F 36 19.70 -8.71 -2.27
CA PHE F 36 19.48 -8.50 -3.70
C PHE F 36 18.70 -7.23 -3.99
N LEU F 37 17.63 -6.99 -3.26
CA LEU F 37 16.82 -5.81 -3.50
C LEU F 37 17.62 -4.55 -3.32
N CYS F 38 18.55 -4.56 -2.36
CA CYS F 38 19.37 -3.38 -2.08
C CYS F 38 20.62 -3.21 -2.93
N PHE F 39 21.30 -4.31 -3.22
CA PHE F 39 22.53 -4.27 -3.99
C PHE F 39 22.49 -4.76 -5.44
N GLY F 40 21.47 -5.54 -5.79
CA GLY F 40 21.39 -6.03 -7.15
C GLY F 40 22.58 -6.89 -7.51
N SER F 41 22.93 -6.95 -8.79
CA SER F 41 24.08 -7.75 -9.21
C SER F 41 24.99 -7.15 -10.28
N GLU F 42 24.89 -5.85 -10.52
CA GLU F 42 25.78 -5.22 -11.50
C GLU F 42 27.19 -5.26 -10.96
N GLY F 43 28.14 -5.58 -11.83
CA GLY F 43 29.53 -5.64 -11.42
C GLY F 43 29.87 -6.78 -10.48
N GLY F 44 28.84 -7.49 -10.03
CA GLY F 44 29.06 -8.60 -9.13
C GLY F 44 29.81 -8.15 -7.89
N THR F 45 30.50 -9.09 -7.26
CA THR F 45 31.29 -8.79 -6.09
C THR F 45 32.74 -8.94 -6.49
N TYR F 46 33.62 -8.78 -5.51
CA TYR F 46 35.04 -8.91 -5.72
C TYR F 46 35.41 -10.31 -6.22
N TYR F 47 34.67 -11.32 -5.77
CA TYR F 47 34.97 -12.69 -6.16
C TYR F 47 34.03 -13.32 -7.18
N ILE F 48 32.80 -12.82 -7.24
CA ILE F 48 31.81 -13.39 -8.13
C ILE F 48 31.50 -12.48 -9.29
N GLU F 49 31.55 -13.02 -10.51
CA GLU F 49 31.27 -12.22 -11.68
C GLU F 49 29.79 -11.90 -11.78
N GLU F 50 29.51 -10.69 -12.28
CA GLU F 50 28.15 -10.18 -12.44
C GLU F 50 27.13 -11.23 -12.86
N LYS F 51 27.37 -11.87 -14.00
CA LYS F 51 26.48 -12.88 -14.54
C LYS F 51 26.10 -13.96 -13.52
N LYS F 52 27.11 -14.62 -12.94
CA LYS F 52 26.85 -15.68 -11.97
C LYS F 52 26.22 -15.17 -10.68
N LEU F 53 26.38 -13.88 -10.39
CA LEU F 53 25.80 -13.32 -9.19
C LEU F 53 24.30 -13.27 -9.39
N GLY F 54 23.88 -12.84 -10.58
CA GLY F 54 22.47 -12.77 -10.90
C GLY F 54 21.88 -14.16 -10.89
N GLN F 55 22.64 -15.11 -11.43
CA GLN F 55 22.20 -16.50 -11.48
C GLN F 55 22.04 -17.08 -10.09
N GLU F 56 22.99 -16.78 -9.21
CA GLU F 56 22.92 -17.26 -7.83
C GLU F 56 21.68 -16.68 -7.19
N ASN F 57 21.40 -15.41 -7.49
CA ASN F 57 20.25 -14.77 -6.92
C ASN F 57 18.94 -15.21 -7.53
N ALA F 58 18.95 -15.49 -8.83
CA ALA F 58 17.74 -15.96 -9.48
C ALA F 58 17.38 -17.32 -8.89
N GLU F 59 18.38 -18.17 -8.66
CA GLU F 59 18.14 -19.49 -8.09
C GLU F 59 17.46 -19.41 -6.74
N ALA F 60 17.94 -18.53 -5.88
CA ALA F 60 17.36 -18.38 -4.55
C ALA F 60 15.93 -17.92 -4.63
N LEU F 61 15.66 -17.05 -5.60
CA LEU F 61 14.30 -16.56 -5.77
C LEU F 61 13.37 -17.72 -6.04
N LEU F 62 13.66 -18.47 -7.10
CA LEU F 62 12.85 -19.62 -7.49
C LEU F 62 12.73 -20.60 -6.35
N ARG F 63 13.79 -20.74 -5.57
CA ARG F 63 13.77 -21.65 -4.43
C ARG F 63 12.65 -21.24 -3.47
N LEU F 64 12.54 -19.94 -3.20
CA LEU F 64 11.48 -19.44 -2.32
C LEU F 64 10.09 -19.84 -2.84
N ILE F 65 9.85 -19.58 -4.12
CA ILE F 65 8.58 -19.90 -4.77
C ILE F 65 8.30 -21.39 -4.62
N GLU F 66 9.30 -22.18 -4.95
CA GLU F 66 9.31 -23.65 -4.85
C GLU F 66 8.69 -23.99 -3.48
N ASP F 67 9.33 -23.49 -2.44
CA ASP F 67 8.96 -23.71 -1.05
C ASP F 67 7.70 -23.05 -0.50
N GLY F 68 6.93 -22.41 -1.39
CA GLY F 68 5.70 -21.78 -0.95
C GLY F 68 5.82 -20.29 -0.60
N LYS F 69 7.05 -19.84 -0.40
CA LYS F 69 7.29 -18.44 -0.06
C LYS F 69 6.85 -17.44 -1.12
N GLY F 70 6.13 -17.93 -2.14
CA GLY F 70 5.70 -17.07 -3.22
C GLY F 70 5.10 -15.73 -2.84
N CYS F 71 4.07 -15.74 -1.99
CA CYS F 71 3.41 -14.50 -1.60
C CYS F 71 4.16 -13.65 -0.57
N GLU F 72 5.03 -14.28 0.19
CA GLU F 72 5.82 -13.55 1.18
C GLU F 72 6.81 -12.69 0.40
N VAL F 73 7.33 -13.25 -0.69
CA VAL F 73 8.29 -12.54 -1.54
C VAL F 73 7.67 -11.26 -2.12
N VAL F 74 6.53 -11.39 -2.77
CA VAL F 74 5.85 -10.23 -3.35
C VAL F 74 5.56 -9.17 -2.26
N GLN F 75 5.09 -9.64 -1.11
CA GLN F 75 4.79 -8.77 0.01
C GLN F 75 6.02 -8.00 0.43
N GLU F 76 7.16 -8.70 0.45
CA GLU F 76 8.42 -8.06 0.82
C GLU F 76 8.84 -7.09 -0.27
N ILE F 77 8.66 -7.51 -1.52
CA ILE F 77 8.99 -6.68 -2.66
C ILE F 77 8.16 -5.41 -2.60
N LYS F 78 6.87 -5.60 -2.34
CA LYS F 78 5.90 -4.53 -2.26
C LYS F 78 6.26 -3.53 -1.16
N THR F 79 6.72 -4.05 -0.03
CA THR F 79 7.09 -3.26 1.13
C THR F 79 8.38 -2.46 0.95
N PHE F 80 9.42 -3.08 0.41
CA PHE F 80 10.68 -2.38 0.20
C PHE F 80 10.52 -1.20 -0.76
N SER F 81 9.78 -1.41 -1.84
CA SER F 81 9.55 -0.38 -2.84
C SER F 81 8.73 0.78 -2.27
N GLN F 82 7.56 0.48 -1.73
CA GLN F 82 6.72 1.54 -1.18
C GLN F 82 7.41 2.36 -0.11
N GLU F 83 8.16 1.69 0.76
CA GLU F 83 8.87 2.37 1.82
C GLU F 83 10.19 2.90 1.30
N GLY F 84 10.44 2.71 0.00
CA GLY F 84 11.66 3.17 -0.63
C GLY F 84 12.98 2.79 0.03
N ARG F 85 13.07 1.58 0.59
CA ARG F 85 14.30 1.15 1.25
C ARG F 85 15.42 0.71 0.33
N ALA F 86 15.14 0.62 -0.96
CA ALA F 86 16.18 0.18 -1.91
C ALA F 86 16.57 1.27 -2.89
N ALA F 87 17.87 1.58 -2.94
CA ALA F 87 18.39 2.62 -3.81
C ALA F 87 17.83 2.55 -5.23
N LYS F 88 18.06 1.44 -5.93
CA LYS F 88 17.59 1.28 -7.30
C LYS F 88 16.39 0.33 -7.46
N GLN F 89 15.67 0.48 -8.58
CA GLN F 89 14.47 -0.32 -8.83
C GLN F 89 14.63 -1.65 -9.53
N GLU F 90 15.59 -1.74 -10.44
CA GLU F 90 15.81 -2.95 -11.23
C GLU F 90 15.63 -4.24 -10.46
N PRO F 91 16.37 -4.43 -9.36
CA PRO F 91 16.21 -5.69 -8.60
C PRO F 91 14.77 -5.99 -8.18
N THR F 92 14.05 -4.99 -7.71
CA THR F 92 12.66 -5.17 -7.27
C THR F 92 11.78 -5.49 -8.47
N LEU F 93 11.90 -4.70 -9.52
CA LEU F 93 11.10 -4.92 -10.71
C LEU F 93 11.41 -6.24 -11.39
N PHE F 94 12.66 -6.67 -11.32
CA PHE F 94 13.03 -7.96 -11.91
C PHE F 94 12.42 -9.07 -11.05
N ALA F 95 12.41 -8.87 -9.74
CA ALA F 95 11.86 -9.86 -8.83
C ALA F 95 10.35 -10.02 -9.04
N LEU F 96 9.67 -8.88 -9.20
CA LEU F 96 8.22 -8.87 -9.41
C LEU F 96 7.89 -9.45 -10.78
N ALA F 97 8.88 -9.44 -11.67
CA ALA F 97 8.68 -9.99 -13.00
C ALA F 97 8.79 -11.52 -12.92
N VAL F 98 9.84 -12.03 -12.26
CA VAL F 98 9.99 -13.47 -12.15
C VAL F 98 8.75 -14.02 -11.46
N CYS F 99 8.34 -13.35 -10.39
CA CYS F 99 7.16 -13.79 -9.66
C CYS F 99 5.96 -13.78 -10.58
N SER F 100 5.93 -12.81 -11.50
CA SER F 100 4.82 -12.66 -12.44
C SER F 100 4.76 -13.83 -13.43
N GLN F 101 5.65 -14.80 -13.26
CA GLN F 101 5.69 -15.96 -14.15
C GLN F 101 5.80 -17.30 -13.46
N CYS F 102 6.40 -17.31 -12.27
CA CYS F 102 6.59 -18.56 -11.54
C CYS F 102 5.45 -19.56 -11.66
N SER F 103 5.73 -20.81 -11.33
CA SER F 103 4.73 -21.86 -11.37
C SER F 103 3.53 -21.54 -10.49
N ASP F 104 3.77 -21.14 -9.25
CA ASP F 104 2.68 -20.82 -8.33
C ASP F 104 1.71 -19.84 -9.00
N ILE F 105 0.41 -20.00 -8.76
CA ILE F 105 -0.60 -19.10 -9.33
C ILE F 105 -1.05 -18.06 -8.30
N LYS F 106 -0.79 -18.40 -7.04
CA LYS F 106 -1.09 -17.56 -5.88
C LYS F 106 -0.14 -16.36 -6.02
N THR F 107 1.13 -16.70 -6.18
CA THR F 107 2.22 -15.73 -6.33
C THR F 107 2.06 -14.87 -7.58
N LYS F 108 1.75 -15.52 -8.70
CA LYS F 108 1.56 -14.80 -9.96
C LYS F 108 0.45 -13.77 -9.82
N GLN F 109 -0.70 -14.23 -9.35
CA GLN F 109 -1.85 -13.37 -9.16
C GLN F 109 -1.53 -12.26 -8.17
N ALA F 110 -0.61 -12.52 -7.24
CA ALA F 110 -0.24 -11.50 -6.26
C ALA F 110 0.74 -10.51 -6.88
N ALA F 111 1.53 -10.97 -7.84
CA ALA F 111 2.50 -10.11 -8.50
C ALA F 111 1.80 -9.01 -9.31
N PHE F 112 0.89 -9.40 -10.19
CA PHE F 112 0.20 -8.42 -11.01
C PHE F 112 -0.70 -7.53 -10.16
N ARG F 113 -1.12 -8.07 -9.02
CA ARG F 113 -1.98 -7.34 -8.11
C ARG F 113 -1.24 -6.15 -7.49
N ALA F 114 0.05 -6.33 -7.25
CA ALA F 114 0.88 -5.31 -6.63
C ALA F 114 1.56 -4.34 -7.61
N VAL F 115 1.41 -4.60 -8.91
CA VAL F 115 2.03 -3.78 -9.95
C VAL F 115 1.83 -2.25 -9.84
N PRO F 116 0.59 -1.78 -9.60
CA PRO F 116 0.34 -0.34 -9.50
C PRO F 116 0.90 0.35 -8.25
N GLU F 117 1.20 -0.44 -7.21
CA GLU F 117 1.75 0.13 -5.98
C GLU F 117 3.26 0.05 -6.02
N VAL F 118 3.79 -0.71 -6.98
CA VAL F 118 5.22 -0.88 -7.12
C VAL F 118 5.73 -0.12 -8.35
N CYS F 119 4.84 0.07 -9.32
CA CYS F 119 5.21 0.79 -10.52
C CYS F 119 4.52 2.12 -10.47
N ARG F 120 5.12 3.06 -9.74
CA ARG F 120 4.55 4.39 -9.56
C ARG F 120 4.75 5.33 -10.72
N ILE F 121 5.83 5.14 -11.49
CA ILE F 121 6.08 5.99 -12.64
C ILE F 121 6.28 5.13 -13.88
N PRO F 122 5.97 5.67 -15.07
CA PRO F 122 6.13 4.92 -16.32
C PRO F 122 7.40 4.08 -16.40
N THR F 123 8.55 4.67 -16.07
CA THR F 123 9.83 3.97 -16.12
C THR F 123 9.74 2.61 -15.40
N HIS F 124 9.19 2.63 -14.19
CA HIS F 124 9.02 1.42 -13.40
C HIS F 124 8.31 0.33 -14.20
N LEU F 125 7.23 0.73 -14.89
CA LEU F 125 6.44 -0.20 -15.68
C LEU F 125 7.22 -0.68 -16.91
N PHE F 126 7.81 0.26 -17.62
CA PHE F 126 8.58 -0.06 -18.80
C PHE F 126 9.65 -1.07 -18.44
N THR F 127 10.32 -0.84 -17.32
CA THR F 127 11.37 -1.75 -16.88
C THR F 127 10.78 -3.10 -16.48
N PHE F 128 9.56 -3.09 -15.96
CA PHE F 128 8.91 -4.34 -15.56
C PHE F 128 8.55 -5.16 -16.79
N ILE F 129 7.90 -4.50 -17.75
CA ILE F 129 7.48 -5.16 -18.99
C ILE F 129 8.65 -5.71 -19.78
N GLN F 130 9.76 -4.99 -19.79
CA GLN F 130 10.96 -5.41 -20.51
C GLN F 130 11.56 -6.64 -19.86
N PHE F 131 11.45 -6.74 -18.54
CA PHE F 131 11.98 -7.88 -17.82
C PHE F 131 11.15 -9.11 -18.16
N LYS F 132 9.83 -8.93 -18.28
CA LYS F 132 8.95 -10.02 -18.62
C LYS F 132 9.35 -10.56 -19.98
N LYS F 133 9.82 -9.67 -20.85
CA LYS F 133 10.26 -10.05 -22.19
C LYS F 133 11.57 -10.85 -22.14
N ASP F 134 12.53 -10.37 -21.36
CA ASP F 134 13.81 -11.06 -21.22
C ASP F 134 13.55 -12.47 -20.67
N LEU F 135 12.46 -12.62 -19.93
CA LEU F 135 12.09 -13.91 -19.37
C LEU F 135 11.24 -14.68 -20.37
N LYS F 136 10.50 -13.98 -21.23
CA LYS F 136 9.67 -14.65 -22.23
C LYS F 136 10.46 -14.83 -23.53
N TRP F 144 0.63 -10.83 -25.64
CA TRP F 144 0.47 -10.60 -24.19
C TRP F 144 -0.56 -11.55 -23.57
N GLY F 145 -1.06 -11.25 -22.37
CA GLY F 145 -2.01 -12.18 -21.77
C GLY F 145 -3.02 -11.54 -20.82
N ARG F 146 -4.03 -12.33 -20.42
CA ARG F 146 -5.08 -11.84 -19.51
C ARG F 146 -4.43 -10.98 -18.42
N ALA F 147 -3.73 -11.63 -17.49
CA ALA F 147 -3.09 -10.93 -16.38
C ALA F 147 -2.29 -9.70 -16.80
N LEU F 148 -1.39 -9.85 -17.77
CA LEU F 148 -0.60 -8.71 -18.21
C LEU F 148 -1.49 -7.57 -18.72
N ARG F 149 -2.29 -7.84 -19.75
CA ARG F 149 -3.17 -6.84 -20.35
C ARG F 149 -4.02 -6.14 -19.31
N LYS F 150 -4.51 -6.91 -18.33
CA LYS F 150 -5.33 -6.37 -17.25
C LYS F 150 -4.50 -5.43 -16.38
N ALA F 151 -3.35 -5.91 -15.92
CA ALA F 151 -2.47 -5.10 -15.07
C ALA F 151 -2.08 -3.77 -15.73
N VAL F 152 -1.69 -3.80 -16.99
CA VAL F 152 -1.31 -2.57 -17.67
C VAL F 152 -2.50 -1.62 -17.81
N SER F 153 -3.65 -2.15 -18.15
CA SER F 153 -4.85 -1.33 -18.29
C SER F 153 -5.23 -0.65 -17.00
N ASP F 154 -5.24 -1.43 -15.92
CA ASP F 154 -5.54 -0.91 -14.59
C ASP F 154 -4.59 0.21 -14.21
N TRP F 155 -3.34 0.10 -14.68
CA TRP F 155 -2.35 1.12 -14.37
C TRP F 155 -2.79 2.46 -14.92
N TYR F 156 -3.39 2.46 -16.10
CA TYR F 156 -3.84 3.71 -16.67
C TYR F 156 -5.24 4.18 -16.27
N ASN F 157 -6.22 3.28 -16.36
CA ASN F 157 -7.60 3.64 -16.06
C ASN F 157 -7.90 3.99 -14.61
N THR F 158 -7.03 3.59 -13.68
CA THR F 158 -7.28 3.93 -12.28
C THR F 158 -6.70 5.28 -11.95
N LYS F 159 -5.94 5.84 -12.88
CA LYS F 159 -5.33 7.15 -12.69
C LYS F 159 -6.36 8.22 -12.96
N ASP F 160 -5.92 9.46 -12.77
CA ASP F 160 -6.76 10.63 -12.99
C ASP F 160 -6.24 11.26 -14.27
N ALA F 161 -7.12 11.47 -15.24
CA ALA F 161 -6.76 12.03 -16.52
C ALA F 161 -5.63 13.05 -16.43
N LEU F 162 -5.83 14.07 -15.60
CA LEU F 162 -4.83 15.12 -15.45
C LEU F 162 -3.47 14.62 -14.97
N ASN F 163 -3.48 13.58 -14.13
CA ASN F 163 -2.24 13.03 -13.65
C ASN F 163 -1.56 12.20 -14.73
N LEU F 164 -2.35 11.37 -15.40
CA LEU F 164 -1.82 10.52 -16.45
C LEU F 164 -1.18 11.38 -17.52
N ALA F 165 -1.79 12.53 -17.79
CA ALA F 165 -1.28 13.46 -18.79
C ALA F 165 0.16 13.86 -18.46
N MET F 166 0.43 14.20 -17.21
CA MET F 166 1.77 14.60 -16.79
C MET F 166 2.70 13.40 -16.94
N ALA F 167 2.27 12.27 -16.37
CA ALA F 167 3.07 11.05 -16.43
C ALA F 167 3.50 10.72 -17.87
N VAL F 168 2.56 10.74 -18.81
CA VAL F 168 2.87 10.42 -20.19
C VAL F 168 3.67 11.47 -20.95
N THR F 169 3.67 12.70 -20.46
CA THR F 169 4.42 13.77 -21.13
C THR F 169 5.80 13.94 -20.46
N LYS F 170 5.87 13.57 -19.19
CA LYS F 170 7.14 13.68 -18.48
C LYS F 170 8.00 12.51 -18.95
N TYR F 171 7.39 11.33 -19.00
CA TYR F 171 8.10 10.13 -19.42
C TYR F 171 7.47 9.60 -20.70
N LYS F 172 7.81 10.18 -21.85
CA LYS F 172 7.23 9.73 -23.10
C LYS F 172 7.57 8.26 -23.42
N GLN F 173 8.82 7.87 -23.21
CA GLN F 173 9.24 6.49 -23.42
C GLN F 173 10.60 6.23 -22.77
N ARG F 174 10.74 5.04 -22.18
CA ARG F 174 11.99 4.66 -21.53
C ARG F 174 12.46 3.26 -21.92
N ASN F 175 13.78 3.08 -21.97
CA ASN F 175 14.38 1.80 -22.28
C ASN F 175 13.82 1.10 -23.52
N GLY F 176 13.19 1.85 -24.41
CA GLY F 176 12.66 1.24 -25.61
C GLY F 176 11.17 0.99 -25.59
N TRP F 177 10.49 1.44 -24.53
CA TRP F 177 9.06 1.26 -24.43
C TRP F 177 8.34 2.60 -24.27
N SER F 178 7.24 2.76 -25.01
CA SER F 178 6.44 3.98 -24.96
C SER F 178 5.04 3.63 -24.47
N HIS F 179 4.26 4.63 -24.12
CA HIS F 179 2.89 4.37 -23.67
C HIS F 179 2.09 3.99 -24.89
N LYS F 180 2.65 4.29 -26.07
CA LYS F 180 2.00 3.98 -27.33
C LYS F 180 1.97 2.47 -27.54
N ASP F 181 3.06 1.79 -27.20
CA ASP F 181 3.11 0.34 -27.35
C ASP F 181 2.26 -0.33 -26.26
N LEU F 182 2.41 0.12 -25.01
CA LEU F 182 1.64 -0.47 -23.93
C LEU F 182 0.14 -0.32 -24.14
N LEU F 183 -0.30 0.89 -24.50
CA LEU F 183 -1.72 1.13 -24.73
C LEU F 183 -2.28 0.18 -25.80
N ARG F 184 -1.46 -0.08 -26.82
CA ARG F 184 -1.84 -0.94 -27.93
C ARG F 184 -1.76 -2.42 -27.60
N LEU F 185 -0.70 -2.83 -26.91
CA LEU F 185 -0.55 -4.24 -26.58
C LEU F 185 -1.55 -4.74 -25.55
N SER F 186 -2.03 -3.83 -24.72
CA SER F 186 -2.98 -4.21 -23.68
C SER F 186 -4.43 -3.98 -24.11
N HIS F 187 -4.60 -3.38 -25.30
CA HIS F 187 -5.92 -3.08 -25.84
C HIS F 187 -6.85 -2.44 -24.83
N ILE F 188 -6.34 -1.49 -24.07
CA ILE F 188 -7.10 -0.79 -23.04
C ILE F 188 -8.30 0.01 -23.59
N LYS F 189 -9.26 0.28 -22.71
CA LYS F 189 -10.43 1.08 -23.07
C LYS F 189 -10.54 2.13 -21.99
N PRO F 190 -10.22 3.38 -22.34
CA PRO F 190 -10.29 4.51 -21.42
C PRO F 190 -11.59 4.46 -20.61
N ALA F 191 -11.48 4.56 -19.29
CA ALA F 191 -12.63 4.50 -18.40
C ALA F 191 -13.46 5.77 -18.37
N ASN F 192 -12.96 6.83 -19.00
CA ASN F 192 -13.70 8.09 -19.00
C ASN F 192 -13.19 8.98 -20.10
N GLU F 193 -13.92 10.08 -20.34
CA GLU F 193 -13.54 11.04 -21.38
C GLU F 193 -12.12 11.58 -21.19
N GLY F 194 -11.74 11.87 -19.95
CA GLY F 194 -10.42 12.39 -19.69
C GLY F 194 -9.33 11.44 -20.17
N LEU F 195 -9.51 10.16 -19.91
CA LEU F 195 -8.55 9.12 -20.29
C LEU F 195 -8.49 8.84 -21.79
N THR F 196 -9.63 8.94 -22.47
CA THR F 196 -9.66 8.72 -23.90
C THR F 196 -8.86 9.80 -24.60
N MET F 197 -8.98 11.03 -24.08
CA MET F 197 -8.25 12.14 -24.66
C MET F 197 -6.75 11.91 -24.54
N VAL F 198 -6.33 11.55 -23.33
CA VAL F 198 -4.92 11.29 -23.09
C VAL F 198 -4.46 10.12 -23.96
N ALA F 199 -5.31 9.09 -24.05
CA ALA F 199 -4.99 7.91 -24.85
C ALA F 199 -4.85 8.29 -26.33
N LYS F 200 -5.79 9.08 -26.82
CA LYS F 200 -5.76 9.54 -28.21
C LYS F 200 -4.51 10.40 -28.43
N TYR F 201 -4.15 11.21 -27.43
CA TYR F 201 -2.97 12.05 -27.52
C TYR F 201 -1.72 11.19 -27.70
N VAL F 202 -1.65 10.12 -26.93
CA VAL F 202 -0.52 9.20 -26.98
C VAL F 202 -0.41 8.46 -28.30
N SER F 203 -1.42 7.64 -28.61
CA SER F 203 -1.41 6.86 -29.84
C SER F 203 -1.54 7.61 -31.16
N LYS F 204 -2.46 8.56 -31.25
CA LYS F 204 -2.67 9.32 -32.48
C LYS F 204 -1.96 10.67 -32.57
N GLY F 205 -1.63 11.27 -31.43
CA GLY F 205 -0.94 12.55 -31.46
C GLY F 205 -1.81 13.76 -31.17
N TRP F 206 -1.16 14.89 -30.92
CA TRP F 206 -1.83 16.14 -30.60
C TRP F 206 -2.82 16.62 -31.67
N LYS F 207 -2.35 16.64 -32.91
CA LYS F 207 -3.17 17.08 -34.03
C LYS F 207 -4.44 16.31 -34.06
N GLU F 208 -4.28 15.00 -34.01
CA GLU F 208 -5.43 14.17 -34.06
C GLU F 208 -6.44 14.38 -32.96
N VAL F 209 -5.93 14.69 -31.78
CA VAL F 209 -6.77 14.93 -30.63
C VAL F 209 -7.32 16.36 -30.69
N GLN F 210 -6.47 17.30 -31.12
CA GLN F 210 -6.88 18.69 -31.22
C GLN F 210 -8.02 18.80 -32.23
N GLU F 211 -7.92 17.99 -33.28
CA GLU F 211 -8.91 17.96 -34.34
C GLU F 211 -10.21 17.26 -33.89
N ALA F 212 -10.10 16.33 -32.95
CA ALA F 212 -11.27 15.60 -32.48
C ALA F 212 -12.05 16.33 -31.39
N TYR F 213 -11.40 17.27 -30.71
CA TYR F 213 -12.05 18.01 -29.64
C TYR F 213 -12.29 19.48 -29.97
N LYS F 214 -12.33 19.82 -31.25
CA LYS F 214 -12.57 21.20 -31.68
C LYS F 214 -13.63 21.90 -30.85
N GLU F 215 -14.84 21.34 -30.80
CA GLU F 215 -15.89 21.95 -30.00
C GLU F 215 -16.79 20.90 -29.33
N LYS F 216 -16.17 19.79 -28.99
CA LYS F 216 -16.88 18.72 -28.30
C LYS F 216 -17.05 19.38 -26.95
N GLU F 217 -18.26 19.84 -26.61
CA GLU F 217 -18.46 20.48 -25.32
C GLU F 217 -17.91 19.56 -24.24
N LEU F 218 -16.77 19.96 -23.66
CA LEU F 218 -16.15 19.17 -22.64
C LEU F 218 -16.49 19.63 -21.24
N SER F 219 -16.26 18.72 -20.31
CA SER F 219 -16.49 18.97 -18.90
C SER F 219 -15.39 19.88 -18.37
N PRO F 220 -15.61 20.52 -17.22
CA PRO F 220 -14.59 21.40 -16.65
C PRO F 220 -13.31 20.63 -16.33
N GLU F 221 -13.48 19.38 -15.90
CA GLU F 221 -12.37 18.51 -15.54
C GLU F 221 -11.60 18.05 -16.79
N THR F 222 -12.34 17.79 -17.87
CA THR F 222 -11.75 17.35 -19.13
C THR F 222 -11.01 18.50 -19.80
N GLU F 223 -11.56 19.70 -19.70
CA GLU F 223 -10.93 20.87 -20.29
C GLU F 223 -9.55 21.03 -19.66
N LYS F 224 -9.49 20.84 -18.34
CA LYS F 224 -8.24 20.93 -17.59
C LYS F 224 -7.19 20.03 -18.25
N VAL F 225 -7.59 18.82 -18.62
CA VAL F 225 -6.69 17.86 -19.25
C VAL F 225 -6.23 18.31 -20.64
N LEU F 226 -7.14 18.87 -21.44
CA LEU F 226 -6.78 19.34 -22.77
C LEU F 226 -5.81 20.52 -22.64
N LYS F 227 -6.19 21.47 -21.81
CA LYS F 227 -5.40 22.68 -21.51
C LYS F 227 -3.94 22.31 -21.36
N TYR F 228 -3.72 21.38 -20.44
CA TYR F 228 -2.41 20.88 -20.09
C TYR F 228 -1.69 20.30 -21.29
N LEU F 229 -2.31 19.32 -21.94
CA LEU F 229 -1.72 18.71 -23.11
C LEU F 229 -1.32 19.82 -24.08
N GLU F 230 -2.21 20.79 -24.25
CA GLU F 230 -1.93 21.91 -25.13
C GLU F 230 -0.68 22.64 -24.66
N ALA F 231 -0.60 22.88 -23.35
CA ALA F 231 0.56 23.54 -22.78
C ALA F 231 1.82 22.76 -23.14
N THR F 232 1.84 21.47 -22.86
CA THR F 232 3.01 20.66 -23.19
C THR F 232 3.42 20.75 -24.67
N GLU F 233 2.44 20.82 -25.57
CA GLU F 233 2.78 20.96 -26.99
C GLU F 233 3.35 22.33 -27.28
N ARG F 234 2.73 23.34 -26.67
CA ARG F 234 3.12 24.74 -26.85
C ARG F 234 4.55 25.09 -26.45
N VAL F 235 5.03 24.56 -25.34
CA VAL F 235 6.37 24.85 -24.88
C VAL F 235 7.44 24.25 -25.80
N LYS F 236 7.00 23.55 -26.84
CA LYS F 236 7.92 22.94 -27.79
C LYS F 236 7.89 23.59 -29.17
N ARG F 237 7.02 24.58 -29.34
CA ARG F 237 6.93 25.27 -30.63
C ARG F 237 7.35 26.72 -30.49
N THR F 238 7.00 27.31 -29.35
CA THR F 238 7.32 28.69 -29.07
C THR F 238 8.83 28.97 -29.01
N LYS F 239 9.24 30.12 -29.53
CA LYS F 239 10.64 30.53 -29.48
C LYS F 239 10.79 31.46 -28.27
N ASP F 240 9.68 32.05 -27.85
CA ASP F 240 9.69 32.97 -26.71
C ASP F 240 9.98 32.28 -25.37
N GLU F 241 11.08 32.65 -24.75
CA GLU F 241 11.46 32.08 -23.46
C GLU F 241 10.47 32.51 -22.38
N LEU F 242 10.04 33.77 -22.46
CA LEU F 242 9.11 34.29 -21.48
C LEU F 242 7.84 33.46 -21.41
N GLU F 243 7.37 32.97 -22.56
CA GLU F 243 6.16 32.16 -22.60
C GLU F 243 6.44 30.79 -21.97
N ILE F 244 7.64 30.27 -22.22
CA ILE F 244 8.04 28.97 -21.67
C ILE F 244 7.94 29.07 -20.16
N ILE F 245 8.67 30.03 -19.60
CA ILE F 245 8.68 30.27 -18.15
C ILE F 245 7.25 30.36 -17.64
N HIS F 246 6.43 31.09 -18.38
CA HIS F 246 5.03 31.29 -18.04
C HIS F 246 4.28 29.96 -17.91
N LEU F 247 4.38 29.13 -18.95
CA LEU F 247 3.70 27.83 -18.97
C LEU F 247 4.20 26.93 -17.86
N ILE F 248 5.50 27.00 -17.58
CA ILE F 248 6.09 26.19 -16.53
C ILE F 248 5.38 26.55 -15.22
N ASP F 249 5.21 27.85 -15.00
CA ASP F 249 4.54 28.34 -13.81
C ASP F 249 3.10 27.87 -13.73
N GLU F 250 2.37 28.03 -14.83
CA GLU F 250 0.96 27.67 -14.89
C GLU F 250 0.65 26.17 -14.85
N TYR F 251 1.48 25.35 -15.47
CA TYR F 251 1.20 23.93 -15.48
C TYR F 251 2.24 23.04 -14.83
N ARG F 252 3.09 23.62 -14.00
CA ARG F 252 4.10 22.83 -13.33
C ARG F 252 4.80 21.86 -14.26
N LEU F 253 5.25 22.36 -15.42
CA LEU F 253 5.96 21.52 -16.35
C LEU F 253 7.39 21.37 -15.81
N VAL F 254 8.01 20.20 -16.01
CA VAL F 254 9.35 19.98 -15.50
C VAL F 254 10.37 19.81 -16.64
N ARG F 255 11.64 19.69 -16.28
CA ARG F 255 12.73 19.54 -17.26
C ARG F 255 12.40 18.73 -18.53
N GLU F 256 11.95 17.49 -18.37
CA GLU F 256 11.61 16.62 -19.48
C GLU F 256 10.65 17.27 -20.49
N HIS F 257 9.91 18.27 -20.03
CA HIS F 257 8.94 18.96 -20.86
C HIS F 257 9.55 19.95 -21.82
N LEU F 258 10.79 20.34 -21.56
CA LEU F 258 11.46 21.35 -22.38
C LEU F 258 12.39 20.82 -23.46
N LEU F 259 12.51 21.58 -24.54
CA LEU F 259 13.39 21.20 -25.62
C LEU F 259 14.80 21.39 -25.04
N THR F 260 15.68 20.44 -25.29
CA THR F 260 17.02 20.50 -24.74
C THR F 260 17.82 21.77 -25.07
N ILE F 261 17.35 22.55 -26.03
CA ILE F 261 18.06 23.78 -26.37
C ILE F 261 17.78 24.86 -25.32
N HIS F 262 16.67 24.71 -24.61
CA HIS F 262 16.29 25.65 -23.56
C HIS F 262 17.03 25.39 -22.26
N LEU F 263 17.59 24.19 -22.14
CA LEU F 263 18.32 23.81 -20.94
C LEU F 263 19.69 24.43 -20.80
N LYS F 264 19.92 25.55 -21.49
CA LYS F 264 21.20 26.22 -21.40
C LYS F 264 20.91 27.62 -20.88
N SER F 265 19.62 27.93 -20.74
CA SER F 265 19.18 29.23 -20.26
C SER F 265 19.06 29.33 -18.73
N LYS F 266 19.82 30.25 -18.16
CA LYS F 266 19.82 30.47 -16.74
C LYS F 266 18.41 30.70 -16.21
N GLU F 267 17.64 31.56 -16.89
CA GLU F 267 16.29 31.86 -16.44
C GLU F 267 15.30 30.72 -16.49
N ILE F 268 15.49 29.77 -17.41
CA ILE F 268 14.61 28.60 -17.52
C ILE F 268 14.72 27.78 -16.22
N TRP F 269 15.96 27.51 -15.81
CA TRP F 269 16.22 26.75 -14.61
C TRP F 269 15.79 27.47 -13.33
N LYS F 270 15.99 28.77 -13.28
CA LYS F 270 15.59 29.53 -12.11
C LYS F 270 14.08 29.38 -11.99
N SER F 271 13.46 29.08 -13.12
CA SER F 271 12.02 28.88 -13.19
C SER F 271 11.75 27.39 -12.93
N LEU F 272 12.72 26.56 -13.32
CA LEU F 272 12.60 25.14 -13.14
C LEU F 272 12.89 24.73 -11.70
N LEU F 273 13.77 25.48 -11.04
CA LEU F 273 14.15 25.20 -9.65
C LEU F 273 13.02 25.47 -8.66
N GLN F 274 12.26 26.54 -8.92
CA GLN F 274 11.16 26.96 -8.08
C GLN F 274 10.54 25.82 -7.27
N ASP F 275 9.98 24.84 -7.97
CA ASP F 275 9.33 23.70 -7.32
C ASP F 275 9.84 22.39 -7.88
N MET F 276 11.11 22.38 -8.25
CA MET F 276 11.71 21.19 -8.83
C MET F 276 11.56 19.98 -7.93
N PRO F 277 11.26 18.82 -8.52
CA PRO F 277 11.11 17.63 -7.67
C PRO F 277 12.49 17.34 -7.05
N LEU F 278 12.50 16.69 -5.88
CA LEU F 278 13.74 16.41 -5.18
C LEU F 278 14.84 15.58 -5.87
N THR F 279 14.47 14.52 -6.58
CA THR F 279 15.50 13.74 -7.26
C THR F 279 16.05 14.59 -8.38
N ALA F 280 15.16 15.26 -9.09
CA ALA F 280 15.58 16.13 -10.18
C ALA F 280 16.58 17.14 -9.61
N LEU F 281 16.19 17.79 -8.51
CA LEU F 281 17.05 18.78 -7.87
C LEU F 281 18.37 18.18 -7.44
N LEU F 282 18.32 16.98 -6.89
CA LEU F 282 19.51 16.30 -6.43
C LEU F 282 20.49 15.96 -7.56
N ARG F 283 19.96 15.43 -8.67
CA ARG F 283 20.79 15.05 -9.80
C ARG F 283 21.30 16.23 -10.63
N ASN F 284 20.79 17.42 -10.38
CA ASN F 284 21.21 18.56 -11.16
C ASN F 284 21.84 19.67 -10.33
N LEU F 285 22.40 19.29 -9.18
CA LEU F 285 23.05 20.28 -8.33
C LEU F 285 24.28 20.80 -9.05
N GLY F 286 25.07 19.87 -9.59
CA GLY F 286 26.29 20.22 -10.30
C GLY F 286 26.07 21.15 -11.48
N LYS F 287 25.08 20.85 -12.31
CA LYS F 287 24.79 21.67 -13.48
C LYS F 287 24.30 23.07 -13.11
N MET F 288 23.43 23.16 -12.11
CA MET F 288 22.91 24.46 -11.72
C MET F 288 23.94 25.39 -11.09
N THR F 289 24.94 24.80 -10.45
CA THR F 289 25.98 25.60 -9.84
C THR F 289 26.83 26.16 -10.96
N ALA F 290 27.15 25.30 -11.92
CA ALA F 290 27.96 25.67 -13.06
C ALA F 290 27.34 26.78 -13.89
N ASP F 291 26.01 26.73 -14.04
CA ASP F 291 25.30 27.73 -14.83
C ASP F 291 24.94 28.98 -14.00
N SER F 292 25.55 29.12 -12.85
CA SER F 292 25.32 30.26 -11.99
C SER F 292 23.89 30.40 -11.50
N VAL F 293 23.08 29.38 -11.70
CA VAL F 293 21.69 29.45 -11.23
C VAL F 293 21.72 29.25 -9.72
N LEU F 294 22.77 28.59 -9.25
CA LEU F 294 22.97 28.36 -7.82
C LEU F 294 24.23 29.11 -7.42
N ALA F 295 24.22 30.42 -7.64
CA ALA F 295 25.37 31.26 -7.32
C ALA F 295 25.57 31.40 -5.83
N PRO F 296 26.84 31.47 -5.40
CA PRO F 296 27.16 31.60 -3.97
C PRO F 296 26.43 32.75 -3.27
N ALA F 297 25.96 32.47 -2.06
CA ALA F 297 25.24 33.44 -1.24
C ALA F 297 23.79 33.60 -1.64
N SER F 298 23.47 33.24 -2.89
CA SER F 298 22.11 33.37 -3.43
C SER F 298 20.95 32.84 -2.60
N SER F 299 19.77 33.36 -2.93
CA SER F 299 18.53 32.98 -2.28
C SER F 299 18.27 31.53 -2.72
N GLU F 300 18.39 31.29 -4.04
CA GLU F 300 18.14 29.95 -4.56
C GLU F 300 18.95 28.86 -3.86
N VAL F 301 20.22 29.12 -3.61
CA VAL F 301 21.03 28.13 -2.93
C VAL F 301 20.45 27.90 -1.55
N SER F 302 20.12 28.99 -0.86
CA SER F 302 19.55 28.88 0.48
C SER F 302 18.31 28.01 0.44
N SER F 303 17.52 28.20 -0.60
CA SER F 303 16.29 27.44 -0.81
C SER F 303 16.62 25.96 -0.93
N VAL F 304 17.55 25.63 -1.84
CA VAL F 304 17.98 24.25 -2.07
C VAL F 304 18.33 23.52 -0.78
N CYS F 305 19.26 24.08 -0.01
CA CYS F 305 19.66 23.48 1.25
C CYS F 305 18.49 23.21 2.19
N GLU F 306 17.54 24.15 2.24
CA GLU F 306 16.41 23.99 3.11
C GLU F 306 15.50 22.84 2.66
N ARG F 307 15.49 22.56 1.35
CA ARG F 307 14.66 21.47 0.85
C ARG F 307 15.34 20.11 1.05
N LEU F 308 16.61 20.04 0.70
CA LEU F 308 17.39 18.81 0.83
C LEU F 308 17.46 18.27 2.26
N THR F 309 17.27 19.14 3.24
CA THR F 309 17.37 18.73 4.63
C THR F 309 16.03 18.65 5.34
N ASN F 310 14.97 18.62 4.56
CA ASN F 310 13.62 18.53 5.10
C ASN F 310 13.34 17.03 5.10
N GLU F 311 13.43 16.37 6.24
CA GLU F 311 13.24 14.93 6.27
C GLU F 311 11.91 14.46 5.73
N LYS F 312 10.85 15.22 5.97
CA LYS F 312 9.55 14.80 5.49
C LYS F 312 9.42 14.74 3.98
N LEU F 313 9.95 15.75 3.30
CA LEU F 313 9.89 15.79 1.84
C LEU F 313 10.85 14.75 1.24
N LEU F 314 12.01 14.58 1.88
CA LEU F 314 13.01 13.60 1.44
C LEU F 314 12.31 12.27 1.46
N LYS F 315 11.52 12.10 2.52
CA LYS F 315 10.73 10.92 2.76
C LYS F 315 9.65 10.78 1.71
N LYS F 316 8.96 11.88 1.45
CA LYS F 316 7.88 11.88 0.48
C LYS F 316 8.40 11.62 -0.91
N ALA F 317 9.57 12.15 -1.22
CA ALA F 317 10.14 11.94 -2.54
C ALA F 317 10.90 10.64 -2.63
N ARG F 318 11.00 9.93 -1.51
CA ARG F 318 11.71 8.65 -1.47
C ARG F 318 13.18 8.76 -1.83
N ILE F 319 13.85 9.78 -1.30
CA ILE F 319 15.26 9.96 -1.58
C ILE F 319 16.05 8.95 -0.77
N HIS F 320 16.68 7.99 -1.45
CA HIS F 320 17.45 6.98 -0.74
C HIS F 320 18.81 7.56 -0.34
N PRO F 321 19.39 7.09 0.77
CA PRO F 321 20.69 7.61 1.19
C PRO F 321 21.79 7.40 0.17
N PHE F 322 21.70 6.31 -0.59
CA PHE F 322 22.72 6.03 -1.62
C PHE F 322 22.77 7.15 -2.63
N HIS F 323 21.61 7.56 -3.11
CA HIS F 323 21.52 8.63 -4.08
C HIS F 323 22.17 9.89 -3.52
N ILE F 324 22.06 10.07 -2.21
CA ILE F 324 22.67 11.23 -1.55
C ILE F 324 24.18 11.08 -1.60
N LEU F 325 24.66 9.91 -1.17
CA LEU F 325 26.08 9.64 -1.17
C LEU F 325 26.71 9.85 -2.54
N VAL F 326 26.11 9.26 -3.58
CA VAL F 326 26.64 9.42 -4.94
C VAL F 326 26.70 10.89 -5.37
N ALA F 327 25.66 11.65 -5.08
CA ALA F 327 25.62 13.07 -5.43
C ALA F 327 26.64 13.86 -4.63
N LEU F 328 26.77 13.54 -3.36
CA LEU F 328 27.71 14.27 -2.54
C LEU F 328 29.11 14.05 -3.08
N GLU F 329 29.46 12.79 -3.30
CA GLU F 329 30.78 12.46 -3.81
C GLU F 329 31.09 13.18 -5.12
N THR F 330 30.16 13.10 -6.07
CA THR F 330 30.36 13.75 -7.36
C THR F 330 30.28 15.28 -7.29
N TYR F 331 29.37 15.80 -6.48
CA TYR F 331 29.21 17.25 -6.37
C TYR F 331 30.43 17.98 -5.81
N LYS F 332 31.00 17.47 -4.73
CA LYS F 332 32.18 18.10 -4.13
C LYS F 332 33.42 17.96 -5.01
N LYS F 333 33.39 17.00 -5.93
CA LYS F 333 34.50 16.78 -6.83
C LYS F 333 34.60 17.90 -7.88
N GLY F 334 33.65 18.83 -7.85
CA GLY F 334 33.65 19.93 -8.78
C GLY F 334 33.35 19.55 -10.21
N HIS F 335 33.53 18.27 -10.54
CA HIS F 335 33.26 17.76 -11.89
C HIS F 335 32.67 16.34 -11.82
N GLY F 336 32.02 15.93 -12.90
CA GLY F 336 31.40 14.61 -12.93
C GLY F 336 32.35 13.48 -13.26
N ASN F 337 31.84 12.25 -13.20
CA ASN F 337 32.66 11.08 -13.52
C ASN F 337 32.52 10.79 -15.01
N ARG F 338 31.29 10.70 -15.49
CA ARG F 338 31.05 10.44 -16.90
C ARG F 338 30.70 11.76 -17.59
N GLY F 339 30.14 12.68 -16.81
CA GLY F 339 29.78 13.98 -17.34
C GLY F 339 30.99 14.72 -17.86
N LYS F 340 30.80 15.97 -18.28
CA LYS F 340 31.90 16.74 -18.82
C LYS F 340 31.79 18.23 -18.51
N LEU F 341 31.20 18.55 -17.35
CA LEU F 341 31.07 19.94 -16.93
C LEU F 341 31.78 20.14 -15.62
N ARG F 342 32.16 21.38 -15.35
CA ARG F 342 32.86 21.70 -14.11
C ARG F 342 32.11 22.77 -13.35
N TRP F 343 32.23 22.72 -12.03
CA TRP F 343 31.56 23.69 -11.17
C TRP F 343 32.32 23.84 -9.87
N ILE F 344 32.27 25.04 -9.30
CA ILE F 344 32.91 25.31 -8.03
C ILE F 344 31.92 24.82 -6.98
N PRO F 345 32.19 23.67 -6.35
CA PRO F 345 31.28 23.13 -5.35
C PRO F 345 30.92 24.11 -4.23
N ASP F 346 29.63 24.37 -4.08
CA ASP F 346 29.14 25.28 -3.06
C ASP F 346 29.22 24.59 -1.70
N THR F 347 29.87 25.22 -0.74
CA THR F 347 30.03 24.63 0.58
C THR F 347 28.74 24.50 1.38
N SER F 348 27.74 25.31 1.07
CA SER F 348 26.47 25.24 1.78
C SER F 348 25.75 23.93 1.38
N ILE F 349 25.85 23.61 0.10
CA ILE F 349 25.22 22.42 -0.46
C ILE F 349 25.90 21.16 0.04
N VAL F 350 27.22 21.17 0.08
CA VAL F 350 27.97 20.01 0.53
C VAL F 350 27.60 19.71 1.98
N GLU F 351 27.30 20.75 2.74
CA GLU F 351 26.93 20.59 4.14
C GLU F 351 25.46 20.20 4.29
N ALA F 352 24.65 20.49 3.27
CA ALA F 352 23.23 20.18 3.28
C ALA F 352 23.01 18.73 2.82
N LEU F 353 23.76 18.30 1.83
CA LEU F 353 23.67 16.93 1.31
C LEU F 353 24.16 15.99 2.39
N ASP F 354 25.36 16.26 2.87
CA ASP F 354 25.96 15.45 3.90
C ASP F 354 25.07 15.41 5.14
N ASN F 355 24.17 16.37 5.26
CA ASN F 355 23.25 16.41 6.41
C ASN F 355 22.01 15.60 6.03
N ALA F 356 21.60 15.73 4.77
CA ALA F 356 20.42 15.02 4.28
C ALA F 356 20.64 13.53 4.32
N PHE F 357 21.88 13.10 4.17
CA PHE F 357 22.22 11.68 4.18
C PHE F 357 21.64 10.97 5.38
N TYR F 358 21.79 11.57 6.55
CA TYR F 358 21.31 10.97 7.78
C TYR F 358 19.82 11.04 7.99
N LYS F 359 19.19 11.97 7.30
CA LYS F 359 17.75 12.12 7.42
C LYS F 359 16.99 11.20 6.47
N SER F 360 17.66 10.65 5.47
CA SER F 360 16.97 9.79 4.52
C SER F 360 16.66 8.39 5.03
N PHE F 361 17.34 7.97 6.10
CA PHE F 361 17.07 6.66 6.70
C PHE F 361 15.88 6.81 7.63
N LYS F 362 15.13 5.73 7.83
CA LYS F 362 14.02 5.77 8.77
C LYS F 362 14.72 5.85 10.12
N LEU F 363 14.64 7.02 10.73
CA LEU F 363 15.29 7.26 12.01
C LEU F 363 14.54 6.61 13.16
N VAL F 364 15.28 6.21 14.20
CA VAL F 364 14.68 5.58 15.35
C VAL F 364 15.16 6.15 16.67
N GLU F 365 14.40 5.89 17.73
CA GLU F 365 14.74 6.33 19.07
C GLU F 365 15.94 5.49 19.55
N PRO F 366 16.90 6.12 20.23
CA PRO F 366 18.06 5.37 20.71
C PRO F 366 17.67 4.35 21.77
N THR F 367 18.45 3.28 21.89
CA THR F 367 18.16 2.26 22.90
C THR F 367 19.09 2.46 24.09
N GLY F 368 20.26 3.06 23.83
CA GLY F 368 21.23 3.33 24.89
C GLY F 368 22.22 2.21 25.14
N LYS F 369 22.07 1.09 24.44
CA LYS F 369 22.98 -0.04 24.58
C LYS F 369 24.42 0.31 24.21
N ARG F 370 25.31 -0.64 24.43
CA ARG F 370 26.71 -0.46 24.11
C ARG F 370 27.01 -1.17 22.79
N PHE F 371 27.33 -0.39 21.76
CA PHE F 371 27.59 -0.95 20.46
C PHE F 371 29.05 -0.91 20.02
N LEU F 372 29.48 -1.97 19.35
CA LEU F 372 30.83 -2.05 18.79
C LEU F 372 30.53 -2.16 17.29
N LEU F 373 30.95 -1.16 16.55
CA LEU F 373 30.72 -1.12 15.12
C LEU F 373 32.04 -1.37 14.40
N ALA F 374 32.12 -2.49 13.68
CA ALA F 374 33.33 -2.88 12.97
C ALA F 374 33.19 -2.89 11.45
N ILE F 375 34.04 -2.09 10.80
CA ILE F 375 34.04 -1.95 9.35
C ILE F 375 35.10 -2.81 8.64
N ASP F 376 34.66 -3.74 7.82
CA ASP F 376 35.57 -4.60 7.08
C ASP F 376 36.25 -3.72 6.01
N VAL F 377 37.56 -3.52 6.15
CA VAL F 377 38.29 -2.68 5.19
C VAL F 377 39.30 -3.44 4.34
N SER F 378 39.11 -4.76 4.22
CA SER F 378 40.01 -5.60 3.41
C SER F 378 39.91 -5.30 1.92
N ALA F 379 40.88 -5.77 1.15
CA ALA F 379 40.94 -5.56 -0.30
C ALA F 379 39.61 -5.76 -1.04
N SER F 380 38.91 -6.84 -0.72
CA SER F 380 37.64 -7.13 -1.36
C SER F 380 36.63 -6.00 -1.19
N MET F 381 36.65 -5.30 -0.06
CA MET F 381 35.71 -4.22 0.18
C MET F 381 35.94 -3.06 -0.77
N ASN F 382 36.84 -3.27 -1.73
CA ASN F 382 37.16 -2.29 -2.75
C ASN F 382 36.12 -2.42 -3.86
N GLN F 383 35.42 -3.55 -3.88
CA GLN F 383 34.38 -3.83 -4.85
C GLN F 383 33.38 -2.69 -4.91
N ARG F 384 32.96 -2.35 -6.12
CA ARG F 384 31.99 -1.29 -6.34
C ARG F 384 30.56 -1.71 -6.07
N VAL F 385 29.78 -0.81 -5.45
CA VAL F 385 28.40 -1.06 -5.11
C VAL F 385 27.47 -0.43 -6.12
N LEU F 386 26.35 -1.10 -6.38
CA LEU F 386 25.33 -0.62 -7.30
C LEU F 386 25.85 -0.03 -8.60
N GLY F 387 26.96 -0.59 -9.09
CA GLY F 387 27.55 -0.10 -10.33
C GLY F 387 27.88 1.36 -10.24
N SER F 388 28.09 1.85 -9.02
CA SER F 388 28.43 3.25 -8.80
C SER F 388 29.92 3.37 -8.54
N ILE F 389 30.32 4.55 -8.08
CA ILE F 389 31.72 4.82 -7.81
C ILE F 389 32.05 4.70 -6.35
N LEU F 390 31.08 4.26 -5.58
CA LEU F 390 31.31 4.06 -4.15
C LEU F 390 31.63 2.58 -3.98
N ASN F 391 32.51 2.25 -3.03
CA ASN F 391 32.86 0.85 -2.79
C ASN F 391 32.21 0.37 -1.51
N ALA F 392 32.29 -0.92 -1.22
CA ALA F 392 31.67 -1.43 0.00
C ALA F 392 32.29 -0.77 1.23
N SER F 393 33.59 -0.51 1.15
CA SER F 393 34.27 0.11 2.25
C SER F 393 33.56 1.40 2.68
N VAL F 394 33.40 2.31 1.72
CA VAL F 394 32.77 3.62 1.96
C VAL F 394 31.35 3.50 2.48
N VAL F 395 30.55 2.66 1.81
CA VAL F 395 29.16 2.45 2.20
C VAL F 395 29.06 1.89 3.60
N ALA F 396 29.90 0.91 3.91
CA ALA F 396 29.91 0.31 5.23
C ALA F 396 30.21 1.37 6.28
N ALA F 397 31.16 2.24 5.98
CA ALA F 397 31.53 3.31 6.91
C ALA F 397 30.35 4.26 7.13
N ALA F 398 29.63 4.58 6.05
CA ALA F 398 28.49 5.48 6.14
C ALA F 398 27.41 4.87 7.02
N MET F 399 27.12 3.58 6.81
CA MET F 399 26.12 2.89 7.61
C MET F 399 26.58 2.94 9.07
N CYS F 400 27.90 2.83 9.23
CA CYS F 400 28.53 2.87 10.53
C CYS F 400 28.30 4.22 11.20
N MET F 401 28.55 5.31 10.46
CA MET F 401 28.35 6.64 10.98
C MET F 401 26.90 6.80 11.43
N LEU F 402 25.98 6.27 10.62
CA LEU F 402 24.55 6.37 10.95
C LEU F 402 24.23 5.76 12.33
N VAL F 403 24.64 4.52 12.53
CA VAL F 403 24.41 3.82 13.78
C VAL F 403 25.12 4.49 14.95
N ALA F 404 26.26 5.10 14.67
CA ALA F 404 27.04 5.77 15.70
C ALA F 404 26.48 7.10 16.14
N ARG F 405 25.71 7.76 15.27
CA ARG F 405 25.17 9.07 15.63
C ARG F 405 23.80 8.95 16.25
N THR F 406 23.30 7.72 16.34
CA THR F 406 22.00 7.44 16.94
C THR F 406 22.20 6.88 18.35
N GLU F 407 23.15 5.97 18.47
CA GLU F 407 23.49 5.33 19.73
C GLU F 407 24.83 5.93 20.12
N LYS F 408 24.83 6.94 20.97
CA LYS F 408 26.09 7.55 21.37
C LYS F 408 27.10 6.58 21.98
N ASP F 409 26.61 5.63 22.78
CA ASP F 409 27.51 4.67 23.40
C ASP F 409 27.95 3.67 22.35
N SER F 410 28.86 4.08 21.47
CA SER F 410 29.34 3.20 20.41
C SER F 410 30.77 3.51 20.00
N HIS F 411 31.59 2.47 19.94
CA HIS F 411 32.99 2.61 19.55
C HIS F 411 33.15 1.96 18.17
N MET F 412 33.69 2.72 17.22
CA MET F 412 33.89 2.25 15.85
C MET F 412 35.30 1.70 15.64
N VAL F 413 35.40 0.63 14.85
CA VAL F 413 36.69 0.04 14.54
C VAL F 413 36.70 -0.51 13.13
N ALA F 414 37.90 -0.55 12.54
CA ALA F 414 38.09 -1.05 11.18
C ALA F 414 39.03 -2.25 11.21
N PHE F 415 38.87 -3.16 10.26
CA PHE F 415 39.72 -4.35 10.23
C PHE F 415 39.80 -5.03 8.88
N SER F 416 40.90 -5.75 8.69
CA SER F 416 41.16 -6.53 7.48
C SER F 416 41.61 -7.88 8.06
N ASP F 417 42.91 -8.13 8.06
CA ASP F 417 43.43 -9.38 8.64
C ASP F 417 44.11 -9.03 9.96
N GLU F 418 43.90 -7.79 10.39
CA GLU F 418 44.44 -7.27 11.64
C GLU F 418 43.63 -6.03 12.03
N MET F 419 43.67 -5.66 13.29
CA MET F 419 42.95 -4.47 13.73
C MET F 419 43.71 -3.25 13.24
N LEU F 420 43.01 -2.31 12.62
CA LEU F 420 43.65 -1.09 12.14
C LEU F 420 43.08 0.10 12.86
N PRO F 421 43.88 1.15 13.05
CA PRO F 421 43.34 2.32 13.74
C PRO F 421 42.13 2.82 12.95
N CYS F 422 41.03 3.10 13.63
CA CYS F 422 39.85 3.57 12.95
C CYS F 422 40.11 4.97 12.42
N PRO F 423 40.10 5.13 11.09
CA PRO F 423 40.34 6.37 10.34
C PRO F 423 39.28 7.46 10.45
N ILE F 424 38.07 7.09 10.86
CA ILE F 424 37.02 8.08 10.96
C ILE F 424 36.47 8.28 12.36
N THR F 425 35.78 9.40 12.56
CA THR F 425 35.18 9.71 13.85
C THR F 425 33.73 10.18 13.69
N VAL F 426 32.99 10.08 14.77
CA VAL F 426 31.59 10.46 14.80
C VAL F 426 31.29 11.87 14.33
N ASN F 427 32.24 12.78 14.50
CA ASN F 427 32.01 14.17 14.14
C ASN F 427 32.40 14.56 12.73
N MET F 428 32.93 13.61 11.96
CA MET F 428 33.36 13.92 10.60
C MET F 428 32.20 14.07 9.63
N LEU F 429 32.43 14.91 8.62
CA LEU F 429 31.45 15.15 7.57
C LEU F 429 31.59 13.95 6.63
N LEU F 430 30.50 13.54 6.00
CA LEU F 430 30.54 12.39 5.14
C LEU F 430 31.64 12.28 4.09
N HIS F 431 32.02 13.39 3.47
CA HIS F 431 33.05 13.27 2.47
C HIS F 431 34.47 13.11 3.04
N GLU F 432 34.62 13.36 4.33
CA GLU F 432 35.92 13.21 4.96
C GLU F 432 36.05 11.74 5.28
N VAL F 433 34.93 11.08 5.56
CA VAL F 433 34.95 9.67 5.88
C VAL F 433 35.16 8.87 4.59
N VAL F 434 34.79 9.47 3.47
CA VAL F 434 34.94 8.81 2.18
C VAL F 434 36.41 8.71 1.78
N GLU F 435 37.10 9.83 1.73
CA GLU F 435 38.50 9.78 1.33
C GLU F 435 39.36 9.06 2.36
N LYS F 436 38.91 9.01 3.61
CA LYS F 436 39.71 8.35 4.62
C LYS F 436 39.66 6.83 4.43
N MET F 437 38.52 6.33 3.93
CA MET F 437 38.36 4.90 3.66
C MET F 437 39.19 4.59 2.43
N SER F 438 39.47 5.65 1.68
CA SER F 438 40.27 5.57 0.46
C SER F 438 41.66 4.98 0.74
N ASP F 439 42.42 5.72 1.54
CA ASP F 439 43.79 5.35 1.91
C ASP F 439 43.91 4.03 2.67
N ILE F 440 42.82 3.55 3.25
CA ILE F 440 42.90 2.37 4.08
C ILE F 440 42.34 1.02 3.58
N THR F 441 41.51 1.02 2.55
CA THR F 441 40.96 -0.24 2.05
C THR F 441 42.02 -1.11 1.36
N MET F 442 42.22 -2.34 1.87
CA MET F 442 43.21 -3.30 1.37
C MET F 442 43.37 -4.46 2.36
N GLY F 443 44.17 -5.46 1.99
CA GLY F 443 44.40 -6.59 2.88
C GLY F 443 43.43 -7.76 2.81
N SER F 444 43.73 -8.79 3.59
CA SER F 444 42.89 -9.99 3.65
C SER F 444 41.80 -9.82 4.71
N THR F 445 40.94 -10.81 4.84
CA THR F 445 39.82 -10.73 5.76
C THR F 445 39.78 -11.68 6.93
N ASP F 446 39.78 -11.13 8.15
CA ASP F 446 39.67 -11.93 9.37
C ASP F 446 38.48 -11.37 10.15
N CYS F 447 37.29 -11.84 9.82
CA CYS F 447 36.05 -11.38 10.45
C CYS F 447 35.82 -11.74 11.91
N ALA F 448 36.83 -12.28 12.57
CA ALA F 448 36.68 -12.62 13.96
C ALA F 448 37.40 -11.58 14.82
N LEU F 449 38.23 -10.77 14.18
CA LEU F 449 39.00 -9.76 14.88
C LEU F 449 38.22 -8.86 15.83
N PRO F 450 37.05 -8.35 15.41
CA PRO F 450 36.25 -7.49 16.28
C PRO F 450 35.98 -8.10 17.66
N MET F 451 35.28 -9.23 17.68
CA MET F 451 34.99 -9.92 18.93
C MET F 451 36.31 -10.12 19.68
N LEU F 452 37.29 -10.70 18.99
CA LEU F 452 38.59 -10.95 19.59
C LEU F 452 39.22 -9.68 20.16
N TRP F 453 39.21 -8.60 19.39
CA TRP F 453 39.78 -7.37 19.89
C TRP F 453 39.03 -6.96 21.16
N ALA F 454 37.70 -7.00 21.08
CA ALA F 454 36.83 -6.62 22.18
C ALA F 454 37.14 -7.35 23.48
N GLN F 455 37.37 -8.66 23.43
CA GLN F 455 37.65 -9.41 24.65
C GLN F 455 38.98 -8.98 25.25
N LYS F 456 39.98 -8.90 24.37
CA LYS F 456 41.35 -8.50 24.71
C LYS F 456 41.54 -7.15 25.34
N THR F 457 40.72 -6.20 24.93
CA THR F 457 40.79 -4.84 25.44
C THR F 457 39.76 -4.73 26.53
N ASN F 458 39.25 -5.88 26.94
CA ASN F 458 38.24 -5.91 27.99
C ASN F 458 37.17 -4.87 27.71
N THR F 459 36.85 -4.69 26.43
CA THR F 459 35.85 -3.74 26.01
C THR F 459 34.46 -4.36 26.02
N ALA F 460 33.55 -3.73 26.76
CA ALA F 460 32.19 -4.20 26.89
C ALA F 460 31.27 -3.74 25.75
N ALA F 461 30.35 -4.62 25.33
CA ALA F 461 29.38 -4.31 24.28
C ALA F 461 28.22 -5.31 24.32
N ASP F 462 27.02 -4.83 23.99
CA ASP F 462 25.85 -5.68 24.00
C ASP F 462 25.55 -6.11 22.58
N ILE F 463 25.97 -5.25 21.67
CA ILE F 463 25.76 -5.49 20.26
C ILE F 463 27.05 -5.28 19.48
N PHE F 464 27.24 -6.14 18.50
CA PHE F 464 28.37 -6.09 17.59
C PHE F 464 27.72 -5.95 16.26
N ILE F 465 28.19 -4.97 15.49
CA ILE F 465 27.68 -4.84 14.14
C ILE F 465 28.93 -4.88 13.26
N VAL F 466 29.00 -5.89 12.40
CA VAL F 466 30.14 -6.04 11.51
C VAL F 466 29.65 -5.79 10.09
N PHE F 467 30.23 -4.78 9.43
CA PHE F 467 29.84 -4.47 8.05
C PHE F 467 30.82 -5.16 7.15
N THR F 468 30.42 -6.34 6.68
CA THR F 468 31.28 -7.16 5.85
C THR F 468 30.55 -7.87 4.70
N ASP F 469 31.32 -8.53 3.83
CA ASP F 469 30.75 -9.28 2.72
C ASP F 469 30.84 -10.77 3.07
N CYS F 470 31.30 -11.04 4.30
CA CYS F 470 31.43 -12.39 4.84
C CYS F 470 32.45 -13.32 4.18
N GLU F 471 33.32 -12.74 3.35
CA GLU F 471 34.37 -13.50 2.67
C GLU F 471 35.60 -13.55 3.57
N THR F 472 35.45 -14.12 4.75
CA THR F 472 36.55 -14.24 5.69
C THR F 472 37.52 -15.27 5.10
N ASN F 473 38.82 -15.10 5.32
CA ASN F 473 39.78 -16.02 4.74
C ASN F 473 41.12 -16.25 5.44
N VAL F 474 41.24 -15.89 6.71
CA VAL F 474 42.50 -16.12 7.39
C VAL F 474 42.36 -17.31 8.32
N GLU F 475 43.49 -17.91 8.69
CA GLU F 475 43.49 -19.06 9.57
C GLU F 475 43.46 -18.60 11.02
N ASP F 476 42.26 -18.27 11.46
CA ASP F 476 41.98 -17.76 12.80
C ASP F 476 40.66 -18.43 13.17
N VAL F 477 40.28 -18.39 14.44
CA VAL F 477 39.02 -19.01 14.84
C VAL F 477 37.84 -18.40 14.09
N HIS F 478 36.76 -19.17 13.96
CA HIS F 478 35.53 -18.71 13.30
C HIS F 478 34.93 -17.55 14.09
N PRO F 479 34.40 -16.54 13.39
CA PRO F 479 33.80 -15.40 14.09
C PRO F 479 32.73 -15.81 15.09
N ALA F 480 31.91 -16.79 14.74
CA ALA F 480 30.87 -17.27 15.65
C ALA F 480 31.54 -17.82 16.92
N THR F 481 32.69 -18.46 16.74
CA THR F 481 33.45 -19.01 17.85
C THR F 481 34.00 -17.85 18.67
N ALA F 482 34.47 -16.81 17.98
CA ALA F 482 35.01 -15.62 18.62
C ALA F 482 33.98 -14.92 19.51
N LEU F 483 32.73 -14.90 19.06
CA LEU F 483 31.66 -14.28 19.82
C LEU F 483 31.37 -15.09 21.09
N LYS F 484 31.25 -16.40 20.95
CA LYS F 484 31.01 -17.25 22.11
C LYS F 484 32.11 -17.05 23.16
N GLN F 485 33.36 -17.17 22.72
CA GLN F 485 34.49 -16.97 23.62
C GLN F 485 34.35 -15.62 24.30
N TYR F 486 33.78 -14.65 23.59
CA TYR F 486 33.59 -13.31 24.14
C TYR F 486 32.53 -13.37 25.23
N ARG F 487 31.36 -13.90 24.88
CA ARG F 487 30.29 -13.98 25.86
C ARG F 487 30.83 -14.58 27.16
N GLU F 488 31.35 -15.81 27.09
CA GLU F 488 31.89 -16.48 28.27
C GLU F 488 32.92 -15.63 29.00
N LYS F 489 33.89 -15.09 28.28
CA LYS F 489 34.91 -14.31 28.93
C LYS F 489 34.37 -13.08 29.64
N MET F 490 33.61 -12.26 28.93
CA MET F 490 33.06 -11.02 29.48
C MET F 490 31.79 -11.17 30.32
N GLY F 491 31.12 -12.30 30.21
CA GLY F 491 29.92 -12.49 30.99
C GLY F 491 28.77 -11.64 30.49
N ILE F 492 28.79 -11.31 29.21
CA ILE F 492 27.74 -10.51 28.58
C ILE F 492 27.08 -11.35 27.48
N PRO F 493 25.75 -11.27 27.33
CA PRO F 493 25.05 -12.03 26.29
C PRO F 493 25.20 -11.39 24.91
N ALA F 494 26.31 -10.67 24.70
CA ALA F 494 26.59 -9.99 23.43
C ALA F 494 25.98 -10.64 22.18
N LYS F 495 25.26 -9.84 21.41
CA LYS F 495 24.63 -10.31 20.18
C LYS F 495 25.50 -9.94 18.99
N LEU F 496 25.23 -10.52 17.83
CA LEU F 496 26.01 -10.21 16.63
C LEU F 496 25.14 -9.98 15.41
N ILE F 497 25.24 -8.77 14.86
CA ILE F 497 24.49 -8.37 13.67
C ILE F 497 25.46 -8.24 12.52
N VAL F 498 25.27 -9.02 11.47
CA VAL F 498 26.15 -8.98 10.32
C VAL F 498 25.49 -8.15 9.25
N CYS F 499 26.01 -6.96 9.01
CA CYS F 499 25.42 -6.12 7.99
C CYS F 499 26.08 -6.44 6.65
N ALA F 500 25.36 -7.15 5.78
CA ALA F 500 25.87 -7.55 4.47
C ALA F 500 26.10 -6.41 3.50
N MET F 501 27.20 -6.48 2.76
CA MET F 501 27.54 -5.43 1.80
C MET F 501 27.37 -5.88 0.34
N THR F 502 26.94 -7.11 0.12
CA THR F 502 26.73 -7.60 -1.24
C THR F 502 25.51 -8.50 -1.33
N SER F 503 25.30 -9.10 -2.49
CA SER F 503 24.18 -10.01 -2.67
C SER F 503 24.65 -11.47 -2.82
N ASN F 504 25.87 -11.75 -2.36
CA ASN F 504 26.40 -13.11 -2.39
C ASN F 504 25.57 -13.82 -1.34
N GLY F 505 25.65 -15.15 -1.28
CA GLY F 505 24.85 -15.87 -0.30
C GLY F 505 25.57 -16.38 0.93
N PHE F 506 26.57 -15.63 1.38
CA PHE F 506 27.37 -16.01 2.55
C PHE F 506 27.09 -15.20 3.84
N SER F 507 27.33 -15.83 4.98
CA SER F 507 27.12 -15.15 6.25
C SER F 507 27.97 -15.78 7.35
N ILE F 508 28.60 -14.95 8.16
CA ILE F 508 29.40 -15.46 9.27
C ILE F 508 28.49 -15.60 10.51
N ALA F 509 27.18 -15.49 10.30
CA ALA F 509 26.22 -15.60 11.38
C ALA F 509 25.64 -17.01 11.50
N ASP F 510 25.72 -17.57 12.71
CA ASP F 510 25.23 -18.91 12.99
C ASP F 510 23.71 -18.95 13.10
N PRO F 511 23.04 -19.63 12.16
CA PRO F 511 21.58 -19.73 12.17
C PRO F 511 21.04 -20.35 13.45
N ASP F 512 21.84 -21.18 14.11
CA ASP F 512 21.38 -21.82 15.33
C ASP F 512 21.56 -20.98 16.60
N ASP F 513 22.13 -19.79 16.46
CA ASP F 513 22.31 -18.92 17.62
C ASP F 513 21.31 -17.76 17.52
N ARG F 514 20.39 -17.70 18.47
CA ARG F 514 19.39 -16.65 18.46
C ARG F 514 19.96 -15.24 18.64
N GLY F 515 21.20 -15.14 19.07
CA GLY F 515 21.81 -13.84 19.28
C GLY F 515 22.56 -13.31 18.09
N MET F 516 22.45 -13.99 16.95
CA MET F 516 23.11 -13.56 15.74
C MET F 516 22.09 -13.28 14.63
N LEU F 517 22.13 -12.06 14.12
CA LEU F 517 21.18 -11.64 13.10
C LEU F 517 21.83 -11.27 11.78
N ASP F 518 21.13 -11.55 10.69
CA ASP F 518 21.64 -11.25 9.35
C ASP F 518 20.83 -10.12 8.73
N ILE F 519 21.41 -8.95 8.57
CA ILE F 519 20.67 -7.86 7.97
C ILE F 519 21.40 -7.38 6.72
N CYS F 520 20.72 -6.56 5.93
CA CYS F 520 21.30 -6.05 4.71
C CYS F 520 21.82 -4.62 4.84
N GLY F 521 22.96 -4.35 4.21
CA GLY F 521 23.51 -3.02 4.25
C GLY F 521 22.78 -2.09 3.30
N PHE F 522 22.65 -0.84 3.68
CA PHE F 522 21.98 0.15 2.84
C PHE F 522 20.50 -0.08 2.57
N ASP F 523 19.81 -0.51 3.62
CA ASP F 523 18.37 -0.70 3.61
C ASP F 523 18.04 0.55 4.44
N SER F 524 17.34 1.51 3.85
CA SER F 524 17.03 2.73 4.60
C SER F 524 16.23 2.39 5.87
N GLY F 525 15.79 1.14 5.98
CA GLY F 525 15.05 0.73 7.14
C GLY F 525 15.93 -0.08 8.08
N ALA F 526 17.18 -0.24 7.71
CA ALA F 526 18.13 -1.01 8.52
C ALA F 526 18.09 -0.66 10.01
N LEU F 527 17.97 0.64 10.29
CA LEU F 527 17.92 1.15 11.64
C LEU F 527 16.85 0.50 12.52
N ASP F 528 15.66 0.30 11.97
CA ASP F 528 14.57 -0.30 12.72
C ASP F 528 14.85 -1.77 13.02
N VAL F 529 15.42 -2.49 12.06
CA VAL F 529 15.71 -3.91 12.25
C VAL F 529 16.76 -4.11 13.33
N ILE F 530 17.82 -3.30 13.29
CA ILE F 530 18.87 -3.41 14.28
C ILE F 530 18.29 -3.13 15.67
N ARG F 531 17.39 -2.15 15.72
CA ARG F 531 16.76 -1.78 16.96
C ARG F 531 15.91 -2.91 17.50
N ASN F 532 14.96 -3.39 16.68
CA ASN F 532 14.08 -4.46 17.10
C ASN F 532 14.85 -5.65 17.65
N PHE F 533 16.02 -5.91 17.08
CA PHE F 533 16.82 -7.02 17.52
C PHE F 533 17.53 -6.71 18.83
N THR F 534 18.05 -5.49 18.96
CA THR F 534 18.74 -5.10 20.18
C THR F 534 17.78 -5.23 21.36
N LEU F 535 16.55 -4.81 21.15
CA LEU F 535 15.52 -4.85 22.19
C LEU F 535 14.80 -6.20 22.35
N ASP F 536 15.38 -7.27 21.82
CA ASP F 536 14.80 -8.62 21.92
C ASP F 536 13.39 -8.69 21.38
N LEU F 537 13.19 -8.26 20.13
CA LEU F 537 11.88 -8.29 19.52
C LEU F 537 11.90 -9.19 18.29
#